data_5JQX
#
_entry.id   5JQX
#
_cell.length_a   138.668
_cell.length_b   128.180
_cell.length_c   138.444
_cell.angle_alpha   90.00
_cell.angle_beta   90.34
_cell.angle_gamma   90.00
#
_symmetry.space_group_name_H-M   'C 1 2 1'
#
loop_
_entity.id
_entity.type
_entity.pdbx_description
1 polymer 'Glucosyl-3-phosphoglycerate synthase'
2 non-polymer '3-PHOSPHOGLYCERIC ACID'
3 water water
#
_entity_poly.entity_id   1
_entity_poly.type   'polypeptide(L)'
_entity_poly.pdbx_seq_one_letter_code
;GSGAMTASELVAGDLAGGRAPGALPLDTTWHRPGWTIGELEAAKAGRTISVVLPALNEEATIESVIDSISPLVDGLVDEL
IVLDSGSTDDTEIRAIASGARVVSREQALPEVPVRPGKGEALWRSLAATSGDIVVFIDSDLINPHPLFVPWLVGPLLTGE
GIQLVKSFYRRPLQVSDVTSGVCATGGGRVTELVARPLLAALRPELGCVLQPLSGEYAASRELLTSLPFAPGYGVEIGLL
IDTFDRLGLDAIAQVNLGVRAHRNRPLDELGAMSRQVIATLLSRCGIPDSGVGLTQFLPGGPDDSDYTRHTWPVSLVDRP
PMKVMRPR
;
_entity_poly.pdbx_strand_id   A,B,C,D
#
loop_
_chem_comp.id
_chem_comp.type
_chem_comp.name
_chem_comp.formula
3PG non-polymer '3-PHOSPHOGLYCERIC ACID' 'C3 H7 O7 P'
#
# COMPACT_ATOMS: atom_id res chain seq x y z
N LEU A 24 -3.26 -10.55 26.24
CA LEU A 24 -3.36 -9.69 25.06
C LEU A 24 -3.46 -8.22 25.46
N PRO A 25 -2.89 -7.33 24.62
CA PRO A 25 -2.97 -5.88 24.84
C PRO A 25 -4.37 -5.32 24.60
N LEU A 26 -5.32 -6.22 24.40
CA LEU A 26 -6.71 -5.85 24.12
C LEU A 26 -7.60 -6.48 25.19
N ASP A 27 -8.46 -5.68 25.81
CA ASP A 27 -9.35 -6.19 26.86
C ASP A 27 -10.24 -7.30 26.32
N THR A 28 -9.96 -8.53 26.75
CA THR A 28 -10.58 -9.71 26.15
C THR A 28 -11.24 -10.62 27.18
N THR A 29 -12.56 -10.78 27.06
CA THR A 29 -13.30 -11.71 27.90
C THR A 29 -13.41 -13.07 27.21
N TRP A 30 -12.71 -14.06 27.74
CA TRP A 30 -12.64 -15.38 27.10
C TRP A 30 -13.78 -16.32 27.49
N HIS A 31 -14.25 -16.23 28.73
CA HIS A 31 -15.30 -17.14 29.18
C HIS A 31 -16.60 -16.38 29.37
N ARG A 32 -17.71 -17.12 29.52
CA ARG A 32 -19.04 -16.53 29.69
C ARG A 32 -19.05 -15.54 30.85
N PRO A 33 -19.38 -14.27 30.56
CA PRO A 33 -19.42 -13.15 31.51
C PRO A 33 -20.26 -13.45 32.75
N GLY A 34 -19.83 -12.91 33.90
CA GLY A 34 -20.46 -13.18 35.17
C GLY A 34 -21.73 -12.37 35.43
N TRP A 35 -21.80 -11.20 34.80
CA TRP A 35 -22.91 -10.27 35.03
C TRP A 35 -24.27 -10.92 34.76
N THR A 36 -25.27 -10.49 35.51
CA THR A 36 -26.64 -10.93 35.29
C THR A 36 -27.44 -9.79 34.66
N ILE A 37 -28.60 -10.12 34.10
CA ILE A 37 -29.45 -9.12 33.46
C ILE A 37 -29.84 -8.02 34.45
N GLY A 38 -29.96 -8.40 35.72
CA GLY A 38 -30.27 -7.46 36.77
C GLY A 38 -29.14 -6.48 37.02
N GLU A 39 -27.93 -7.01 37.16
CA GLU A 39 -26.74 -6.20 37.43
C GLU A 39 -26.46 -5.22 36.29
N LEU A 40 -26.54 -5.72 35.06
CA LEU A 40 -26.30 -4.90 33.87
C LEU A 40 -27.31 -3.78 33.74
N GLU A 41 -28.57 -4.08 34.01
CA GLU A 41 -29.66 -3.12 33.89
C GLU A 41 -29.51 -2.00 34.92
N ALA A 42 -28.89 -2.33 36.06
CA ALA A 42 -28.61 -1.36 37.10
C ALA A 42 -27.49 -0.39 36.69
N ALA A 43 -26.41 -0.95 36.16
CA ALA A 43 -25.23 -0.17 35.80
C ALA A 43 -25.45 0.82 34.67
N LYS A 44 -26.64 0.79 34.07
CA LYS A 44 -26.97 1.70 32.98
C LYS A 44 -26.87 3.16 33.41
N ALA A 45 -27.40 3.45 34.60
CA ALA A 45 -27.29 4.77 35.23
C ALA A 45 -27.82 5.88 34.33
N GLY A 46 -29.06 5.73 33.87
CA GLY A 46 -29.71 6.75 33.06
C GLY A 46 -29.46 6.59 31.57
N ARG A 47 -28.40 5.88 31.21
CA ARG A 47 -28.08 5.61 29.81
C ARG A 47 -29.10 4.66 29.19
N THR A 48 -29.41 4.89 27.92
CA THR A 48 -30.33 4.03 27.19
C THR A 48 -29.56 3.12 26.23
N ILE A 49 -30.18 2.02 25.82
CA ILE A 49 -29.54 1.07 24.92
C ILE A 49 -30.42 0.77 23.72
N SER A 50 -29.91 1.05 22.53
CA SER A 50 -30.61 0.72 21.29
C SER A 50 -29.99 -0.49 20.60
N VAL A 51 -30.85 -1.37 20.09
CA VAL A 51 -30.40 -2.52 19.33
C VAL A 51 -30.90 -2.42 17.90
N VAL A 52 -30.00 -2.57 16.93
CA VAL A 52 -30.35 -2.44 15.52
C VAL A 52 -30.05 -3.71 14.74
N LEU A 53 -31.05 -4.20 14.00
CA LEU A 53 -30.85 -5.35 13.13
C LEU A 53 -30.91 -4.93 11.66
N PRO A 54 -29.74 -4.81 11.01
CA PRO A 54 -29.74 -4.54 9.57
C PRO A 54 -30.21 -5.76 8.80
N ALA A 55 -31.12 -5.58 7.84
CA ALA A 55 -31.74 -6.71 7.18
C ALA A 55 -32.02 -6.47 5.71
N LEU A 56 -31.50 -7.36 4.87
CA LEU A 56 -31.83 -7.37 3.45
C LEU A 56 -32.18 -8.80 3.02
N ASN A 57 -33.47 -9.05 2.86
CA ASN A 57 -33.98 -10.38 2.50
C ASN A 57 -33.50 -11.48 3.45
N GLU A 58 -33.96 -11.42 4.70
CA GLU A 58 -33.55 -12.38 5.72
C GLU A 58 -34.74 -13.03 6.41
N GLU A 59 -35.79 -13.31 5.63
CA GLU A 59 -37.04 -13.84 6.19
C GLU A 59 -36.85 -15.18 6.90
N ALA A 60 -35.87 -15.95 6.47
CA ALA A 60 -35.64 -17.28 7.00
C ALA A 60 -35.03 -17.27 8.41
N THR A 61 -34.43 -16.14 8.79
CA THR A 61 -33.68 -16.10 10.04
C THR A 61 -34.04 -14.91 10.94
N ILE A 62 -34.73 -13.92 10.37
CA ILE A 62 -35.02 -12.68 11.10
C ILE A 62 -35.87 -12.90 12.35
N GLU A 63 -36.82 -13.83 12.29
CA GLU A 63 -37.72 -14.10 13.41
C GLU A 63 -36.97 -14.67 14.61
N SER A 64 -36.10 -15.64 14.36
CA SER A 64 -35.31 -16.26 15.43
C SER A 64 -34.42 -15.26 16.15
N VAL A 65 -33.87 -14.32 15.38
CA VAL A 65 -32.96 -13.31 15.93
C VAL A 65 -33.69 -12.33 16.85
N ILE A 66 -34.81 -11.78 16.36
CA ILE A 66 -35.62 -10.86 17.13
C ILE A 66 -36.10 -11.48 18.44
N ASP A 67 -36.58 -12.73 18.35
CA ASP A 67 -37.12 -13.44 19.50
C ASP A 67 -36.09 -13.62 20.61
N SER A 68 -34.82 -13.74 20.25
CA SER A 68 -33.75 -13.90 21.22
C SER A 68 -33.44 -12.60 21.96
N ILE A 69 -33.95 -11.48 21.45
CA ILE A 69 -33.64 -10.17 22.01
C ILE A 69 -34.85 -9.50 22.64
N SER A 70 -36.02 -9.71 22.04
CA SER A 70 -37.25 -9.03 22.45
C SER A 70 -37.66 -9.18 23.93
N PRO A 71 -37.31 -10.31 24.60
CA PRO A 71 -37.59 -10.30 26.05
C PRO A 71 -36.82 -9.24 26.83
N LEU A 72 -35.78 -8.67 26.24
CA LEU A 72 -34.98 -7.64 26.90
C LEU A 72 -35.57 -6.25 26.71
N VAL A 73 -36.53 -6.14 25.79
CA VAL A 73 -37.19 -4.87 25.52
C VAL A 73 -37.96 -4.41 26.75
N ASP A 74 -37.92 -3.10 27.00
CA ASP A 74 -38.54 -2.46 28.17
C ASP A 74 -37.73 -2.73 29.43
N GLY A 75 -36.73 -3.59 29.32
CA GLY A 75 -35.81 -3.85 30.41
C GLY A 75 -34.42 -3.32 30.12
N LEU A 76 -33.47 -4.21 29.93
CA LEU A 76 -32.10 -3.82 29.59
C LEU A 76 -32.05 -3.09 28.25
N VAL A 77 -32.85 -3.56 27.30
CA VAL A 77 -32.92 -2.93 25.99
C VAL A 77 -34.11 -1.98 25.93
N ASP A 78 -33.84 -0.71 25.64
CA ASP A 78 -34.89 0.30 25.58
C ASP A 78 -35.51 0.38 24.19
N GLU A 79 -34.76 -0.05 23.19
CA GLU A 79 -35.17 0.13 21.80
C GLU A 79 -34.64 -0.99 20.91
N LEU A 80 -35.54 -1.58 20.12
CA LEU A 80 -35.16 -2.62 19.17
C LEU A 80 -35.81 -2.35 17.82
N ILE A 81 -34.98 -2.06 16.82
CA ILE A 81 -35.51 -1.78 15.48
C ILE A 81 -34.85 -2.67 14.42
N VAL A 82 -35.60 -2.90 13.34
CA VAL A 82 -35.03 -3.56 12.18
C VAL A 82 -34.83 -2.53 11.07
N LEU A 83 -33.59 -2.42 10.59
CA LEU A 83 -33.29 -1.49 9.52
C LEU A 83 -33.43 -2.21 8.18
N ASP A 84 -34.57 -2.03 7.54
CA ASP A 84 -34.86 -2.72 6.29
C ASP A 84 -34.10 -2.08 5.13
N SER A 85 -33.18 -2.86 4.56
CA SER A 85 -32.31 -2.36 3.49
C SER A 85 -32.93 -2.62 2.12
N GLY A 86 -34.25 -2.52 2.01
CA GLY A 86 -34.93 -2.67 0.75
C GLY A 86 -35.28 -4.11 0.41
N SER A 87 -35.71 -4.87 1.41
CA SER A 87 -36.08 -6.27 1.22
C SER A 87 -37.29 -6.40 0.31
N THR A 88 -37.28 -7.44 -0.52
CA THR A 88 -38.39 -7.71 -1.43
C THR A 88 -39.18 -8.94 -0.99
N ASP A 89 -38.66 -9.66 -0.01
CA ASP A 89 -39.35 -10.82 0.53
C ASP A 89 -40.20 -10.45 1.75
N ASP A 90 -40.54 -11.47 2.55
CA ASP A 90 -41.44 -11.27 3.69
C ASP A 90 -40.68 -10.89 4.97
N THR A 91 -39.52 -10.27 4.82
CA THR A 91 -38.69 -9.90 5.97
C THR A 91 -39.41 -8.92 6.89
N GLU A 92 -40.03 -7.90 6.30
CA GLU A 92 -40.68 -6.86 7.07
C GLU A 92 -41.89 -7.38 7.85
N ILE A 93 -42.76 -8.12 7.17
CA ILE A 93 -44.00 -8.60 7.80
C ILE A 93 -43.72 -9.61 8.92
N ARG A 94 -42.67 -10.42 8.74
CA ARG A 94 -42.28 -11.37 9.77
C ARG A 94 -41.64 -10.65 10.97
N ALA A 95 -40.89 -9.59 10.68
CA ALA A 95 -40.27 -8.78 11.71
C ALA A 95 -41.32 -8.05 12.55
N ILE A 96 -42.31 -7.49 11.88
CA ILE A 96 -43.43 -6.82 12.56
C ILE A 96 -44.18 -7.80 13.43
N ALA A 97 -44.42 -9.00 12.91
CA ALA A 97 -45.13 -10.05 13.63
C ALA A 97 -44.33 -10.54 14.84
N SER A 98 -43.06 -10.17 14.91
CA SER A 98 -42.21 -10.53 16.04
C SER A 98 -42.08 -9.38 17.03
N GLY A 99 -42.87 -8.34 16.82
CA GLY A 99 -42.92 -7.22 17.75
C GLY A 99 -41.83 -6.19 17.58
N ALA A 100 -41.06 -6.30 16.49
CA ALA A 100 -39.97 -5.37 16.23
C ALA A 100 -40.44 -4.16 15.42
N ARG A 101 -39.86 -3.00 15.71
CA ARG A 101 -40.12 -1.80 14.93
C ARG A 101 -39.31 -1.84 13.64
N VAL A 102 -40.00 -1.74 12.50
CA VAL A 102 -39.31 -1.83 11.22
C VAL A 102 -39.15 -0.46 10.57
N VAL A 103 -37.89 -0.05 10.40
CA VAL A 103 -37.57 1.23 9.78
C VAL A 103 -36.85 1.04 8.45
N SER A 104 -37.40 1.61 7.39
CA SER A 104 -36.74 1.57 6.09
C SER A 104 -35.63 2.61 6.03
N ARG A 105 -34.75 2.49 5.05
CA ARG A 105 -33.67 3.45 4.87
C ARG A 105 -34.20 4.85 4.61
N GLU A 106 -35.31 4.92 3.87
CA GLU A 106 -35.98 6.19 3.60
C GLU A 106 -36.51 6.84 4.87
N GLN A 107 -37.15 6.04 5.72
CA GLN A 107 -37.75 6.54 6.96
C GLN A 107 -36.73 6.99 7.98
N ALA A 108 -35.55 6.38 7.95
CA ALA A 108 -34.51 6.68 8.93
C ALA A 108 -33.92 8.08 8.71
N LEU A 109 -33.84 8.48 7.45
CA LEU A 109 -33.25 9.78 7.10
C LEU A 109 -33.78 10.23 5.73
N PRO A 110 -34.99 10.80 5.71
CA PRO A 110 -35.71 11.14 4.47
C PRO A 110 -35.07 12.25 3.63
N GLU A 111 -34.28 13.12 4.26
CA GLU A 111 -33.67 14.24 3.53
C GLU A 111 -32.63 13.77 2.52
N VAL A 112 -32.06 12.59 2.77
CA VAL A 112 -30.97 12.08 1.95
C VAL A 112 -31.38 10.86 1.13
N PRO A 113 -31.17 10.93 -0.20
CA PRO A 113 -31.40 9.80 -1.11
C PRO A 113 -30.65 8.55 -0.67
N VAL A 114 -31.18 7.38 -1.00
CA VAL A 114 -30.63 6.12 -0.48
C VAL A 114 -29.59 5.50 -1.40
N ARG A 115 -28.44 5.15 -0.82
CA ARG A 115 -27.42 4.40 -1.52
C ARG A 115 -27.51 2.92 -1.14
N PRO A 116 -27.08 2.02 -2.05
CA PRO A 116 -27.08 0.59 -1.71
C PRO A 116 -25.95 0.24 -0.75
N GLY A 117 -26.08 -0.89 -0.05
CA GLY A 117 -25.03 -1.38 0.82
C GLY A 117 -25.42 -1.48 2.28
N LYS A 118 -24.71 -2.34 3.01
CA LYS A 118 -24.94 -2.55 4.43
C LYS A 118 -24.57 -1.31 5.24
N GLY A 119 -23.37 -0.80 4.99
CA GLY A 119 -22.86 0.39 5.67
C GLY A 119 -23.81 1.56 5.66
N GLU A 120 -24.50 1.75 4.54
CA GLU A 120 -25.50 2.79 4.40
C GLU A 120 -26.60 2.64 5.45
N ALA A 121 -27.09 1.42 5.58
CA ALA A 121 -28.17 1.11 6.52
C ALA A 121 -27.75 1.35 7.97
N LEU A 122 -26.56 0.86 8.31
CA LEU A 122 -26.02 1.03 9.67
C LEU A 122 -25.85 2.50 10.01
N TRP A 123 -25.41 3.28 9.02
CA TRP A 123 -25.25 4.72 9.19
C TRP A 123 -26.59 5.39 9.46
N ARG A 124 -27.57 5.12 8.61
CA ARG A 124 -28.90 5.69 8.75
C ARG A 124 -29.60 5.28 10.04
N SER A 125 -29.24 4.12 10.57
CA SER A 125 -29.87 3.59 11.78
C SER A 125 -29.58 4.46 13.00
N LEU A 126 -28.46 5.18 12.95
CA LEU A 126 -28.10 6.10 14.03
C LEU A 126 -29.10 7.24 14.13
N ALA A 127 -29.71 7.59 12.99
CA ALA A 127 -30.71 8.65 12.95
C ALA A 127 -32.09 8.13 13.34
N ALA A 128 -32.21 6.81 13.43
CA ALA A 128 -33.50 6.18 13.74
C ALA A 128 -33.53 5.68 15.18
N THR A 129 -32.43 5.87 15.90
CA THR A 129 -32.34 5.46 17.30
C THR A 129 -31.93 6.63 18.18
N SER A 130 -32.12 6.48 19.48
CA SER A 130 -31.81 7.56 20.42
C SER A 130 -31.05 7.06 21.65
N GLY A 131 -30.60 5.81 21.61
CA GLY A 131 -29.86 5.23 22.72
C GLY A 131 -28.45 5.78 22.85
N ASP A 132 -27.98 5.88 24.08
CA ASP A 132 -26.60 6.29 24.35
C ASP A 132 -25.65 5.18 23.92
N ILE A 133 -26.13 3.94 23.97
CA ILE A 133 -25.38 2.79 23.51
C ILE A 133 -26.13 2.09 22.38
N VAL A 134 -25.45 1.86 21.27
CA VAL A 134 -26.07 1.20 20.13
C VAL A 134 -25.45 -0.16 19.88
N VAL A 135 -26.29 -1.18 19.81
CA VAL A 135 -25.83 -2.56 19.57
C VAL A 135 -26.23 -3.01 18.17
N PHE A 136 -25.27 -3.57 17.45
CA PHE A 136 -25.53 -4.08 16.10
C PHE A 136 -25.47 -5.60 16.07
N ILE A 137 -26.53 -6.20 15.55
CA ILE A 137 -26.62 -7.66 15.42
C ILE A 137 -27.07 -8.04 14.02
N ASP A 138 -26.32 -8.90 13.36
CA ASP A 138 -26.69 -9.36 12.03
C ASP A 138 -27.96 -10.21 12.10
N SER A 139 -28.83 -10.05 11.12
CA SER A 139 -30.12 -10.72 11.14
C SER A 139 -30.11 -12.00 10.32
N ASP A 140 -28.93 -12.43 9.90
CA ASP A 140 -28.79 -13.70 9.18
C ASP A 140 -28.25 -14.79 10.09
N LEU A 141 -28.26 -14.52 11.39
CA LEU A 141 -27.84 -15.50 12.40
C LEU A 141 -28.81 -16.66 12.51
N ILE A 142 -28.27 -17.87 12.57
CA ILE A 142 -29.10 -19.06 12.78
C ILE A 142 -29.14 -19.40 14.26
N ASN A 143 -30.30 -19.15 14.88
CA ASN A 143 -30.49 -19.34 16.32
C ASN A 143 -29.40 -18.70 17.16
N PRO A 144 -29.48 -17.38 17.36
CA PRO A 144 -28.51 -16.66 18.20
C PRO A 144 -28.83 -16.82 19.69
N HIS A 145 -27.80 -16.84 20.53
CA HIS A 145 -28.00 -16.96 21.96
C HIS A 145 -28.63 -15.68 22.50
N PRO A 146 -29.62 -15.82 23.40
CA PRO A 146 -30.36 -14.67 23.94
C PRO A 146 -29.53 -13.78 24.86
N LEU A 147 -28.27 -14.16 25.10
CA LEU A 147 -27.40 -13.36 25.95
C LEU A 147 -26.37 -12.59 25.14
N PHE A 148 -26.55 -12.56 23.81
CA PHE A 148 -25.66 -11.82 22.93
C PHE A 148 -25.56 -10.34 23.31
N VAL A 149 -26.70 -9.67 23.37
CA VAL A 149 -26.74 -8.25 23.72
C VAL A 149 -26.19 -7.96 25.13
N PRO A 150 -26.60 -8.75 26.15
CA PRO A 150 -25.99 -8.53 27.46
C PRO A 150 -24.47 -8.73 27.47
N TRP A 151 -23.99 -9.76 26.79
CA TRP A 151 -22.56 -10.05 26.74
C TRP A 151 -21.76 -8.95 26.03
N LEU A 152 -22.43 -8.19 25.18
CA LEU A 152 -21.78 -7.14 24.40
C LEU A 152 -21.70 -5.82 25.15
N VAL A 153 -22.80 -5.46 25.81
CA VAL A 153 -22.86 -4.19 26.55
C VAL A 153 -22.18 -4.29 27.91
N GLY A 154 -21.68 -5.49 28.23
CA GLY A 154 -20.96 -5.73 29.47
C GLY A 154 -19.85 -4.73 29.74
N PRO A 155 -18.75 -4.78 28.96
CA PRO A 155 -17.60 -3.90 29.13
C PRO A 155 -17.95 -2.40 29.00
N LEU A 156 -19.06 -2.09 28.36
CA LEU A 156 -19.48 -0.69 28.20
C LEU A 156 -20.17 -0.15 29.45
N LEU A 157 -20.90 -1.01 30.14
CA LEU A 157 -21.70 -0.57 31.28
C LEU A 157 -20.95 -0.66 32.60
N THR A 158 -20.11 -1.68 32.75
CA THR A 158 -19.38 -1.89 33.99
C THR A 158 -18.03 -1.21 33.97
N GLY A 159 -17.14 -1.68 33.11
CA GLY A 159 -15.82 -1.10 32.97
C GLY A 159 -15.86 0.32 32.44
N GLU A 160 -14.70 0.96 32.39
CA GLU A 160 -14.61 2.32 31.84
C GLU A 160 -13.46 2.44 30.84
N GLY A 161 -13.62 3.35 29.90
CA GLY A 161 -12.63 3.55 28.84
C GLY A 161 -13.04 2.81 27.58
N ILE A 162 -13.84 1.76 27.74
CA ILE A 162 -14.30 0.97 26.61
C ILE A 162 -15.44 1.70 25.89
N GLN A 163 -15.32 1.85 24.58
CA GLN A 163 -16.37 2.50 23.79
C GLN A 163 -16.75 1.64 22.59
N LEU A 164 -16.04 0.54 22.38
CA LEU A 164 -16.33 -0.37 21.29
C LEU A 164 -16.09 -1.81 21.72
N VAL A 165 -17.12 -2.65 21.58
CA VAL A 165 -17.00 -4.06 21.94
C VAL A 165 -17.28 -4.96 20.75
N LYS A 166 -16.27 -5.68 20.29
CA LYS A 166 -16.41 -6.61 19.19
C LYS A 166 -16.66 -8.01 19.73
N SER A 167 -17.19 -8.90 18.90
CA SER A 167 -17.39 -10.28 19.32
C SER A 167 -16.45 -11.23 18.59
N PHE A 168 -16.21 -12.40 19.19
CA PHE A 168 -15.54 -13.50 18.52
C PHE A 168 -16.19 -14.81 18.94
N TYR A 169 -15.98 -15.86 18.17
N TYR A 169 -16.03 -15.83 18.10
CA TYR A 169 -16.69 -17.11 18.42
CA TYR A 169 -16.78 -17.08 18.22
C TYR A 169 -15.93 -18.35 17.95
C TYR A 169 -15.93 -18.34 18.08
N ARG A 170 -16.62 -19.49 18.05
CA ARG A 170 -16.03 -20.81 17.81
C ARG A 170 -14.64 -21.04 18.39
N GLY A 186 -15.86 -23.46 5.94
CA GLY A 186 -16.24 -22.16 6.45
C GLY A 186 -15.42 -21.76 7.67
N GLY A 187 -15.98 -20.87 8.49
CA GLY A 187 -15.29 -20.41 9.68
C GLY A 187 -14.77 -18.99 9.50
N GLY A 188 -15.47 -18.21 8.70
CA GLY A 188 -15.02 -16.86 8.38
C GLY A 188 -13.94 -16.87 7.32
N ARG A 189 -14.30 -17.30 6.11
CA ARG A 189 -13.34 -17.41 5.02
C ARG A 189 -12.77 -16.06 4.63
N VAL A 190 -13.64 -15.05 4.55
CA VAL A 190 -13.19 -13.70 4.25
C VAL A 190 -12.37 -13.16 5.42
N THR A 191 -12.79 -13.52 6.64
CA THR A 191 -12.08 -13.11 7.85
C THR A 191 -10.66 -13.68 7.91
N GLU A 192 -10.54 -14.99 7.73
CA GLU A 192 -9.27 -15.68 7.95
C GLU A 192 -8.31 -15.58 6.76
N LEU A 193 -8.84 -15.30 5.57
CA LEU A 193 -8.00 -15.24 4.38
C LEU A 193 -7.73 -13.81 3.91
N VAL A 194 -8.62 -12.89 4.24
CA VAL A 194 -8.50 -11.52 3.75
C VAL A 194 -8.26 -10.50 4.87
N ALA A 195 -9.25 -10.34 5.74
CA ALA A 195 -9.22 -9.29 6.75
C ALA A 195 -8.03 -9.39 7.70
N ARG A 196 -7.92 -10.52 8.39
CA ARG A 196 -6.87 -10.70 9.39
C ARG A 196 -5.45 -10.75 8.79
N PRO A 197 -5.28 -11.40 7.62
CA PRO A 197 -3.93 -11.30 7.03
C PRO A 197 -3.59 -9.90 6.54
N LEU A 198 -4.57 -9.16 6.03
CA LEU A 198 -4.34 -7.79 5.56
C LEU A 198 -4.06 -6.86 6.73
N LEU A 199 -4.77 -7.08 7.84
CA LEU A 199 -4.52 -6.30 9.05
C LEU A 199 -3.11 -6.56 9.56
N ALA A 200 -2.68 -7.81 9.52
CA ALA A 200 -1.32 -8.16 9.94
C ALA A 200 -0.28 -7.42 9.10
N ALA A 201 -0.60 -7.19 7.83
CA ALA A 201 0.31 -6.55 6.90
C ALA A 201 0.35 -5.02 7.04
N LEU A 202 -0.82 -4.41 7.27
CA LEU A 202 -0.91 -2.95 7.23
C LEU A 202 -1.24 -2.31 8.58
N ARG A 203 -1.76 -3.09 9.51
CA ARG A 203 -2.09 -2.60 10.84
C ARG A 203 -1.86 -3.66 11.92
N PRO A 204 -0.61 -4.10 12.09
CA PRO A 204 -0.29 -5.25 12.96
C PRO A 204 -0.73 -5.04 14.41
N GLU A 205 -1.01 -3.79 14.78
CA GLU A 205 -1.48 -3.47 16.12
C GLU A 205 -2.86 -4.05 16.38
N LEU A 206 -3.61 -4.28 15.30
CA LEU A 206 -4.96 -4.84 15.40
C LEU A 206 -4.95 -6.35 15.18
N GLY A 207 -3.77 -6.95 15.25
CA GLY A 207 -3.63 -8.39 15.06
C GLY A 207 -4.25 -9.23 16.16
N CYS A 208 -4.61 -8.60 17.27
CA CYS A 208 -5.17 -9.32 18.41
C CYS A 208 -6.69 -9.46 18.30
N VAL A 209 -7.29 -8.78 17.33
CA VAL A 209 -8.72 -8.91 17.08
C VAL A 209 -9.00 -10.23 16.38
N LEU A 210 -9.88 -11.04 16.96
CA LEU A 210 -10.13 -12.39 16.46
C LEU A 210 -11.14 -12.39 15.32
N GLN A 211 -12.15 -11.54 15.43
CA GLN A 211 -13.16 -11.42 14.38
C GLN A 211 -13.41 -9.95 14.04
N PRO A 212 -12.52 -9.37 13.22
CA PRO A 212 -12.61 -7.95 12.85
C PRO A 212 -13.84 -7.64 11.98
N LEU A 213 -14.34 -8.66 11.27
CA LEU A 213 -15.48 -8.47 10.39
C LEU A 213 -16.78 -8.89 11.05
N SER A 214 -16.76 -9.03 12.37
CA SER A 214 -17.93 -9.48 13.12
C SER A 214 -19.09 -8.50 12.99
N GLY A 215 -20.27 -9.02 12.67
CA GLY A 215 -21.45 -8.21 12.53
C GLY A 215 -22.11 -7.95 13.86
N GLU A 216 -21.60 -8.58 14.91
CA GLU A 216 -22.14 -8.41 16.25
C GLU A 216 -21.20 -7.58 17.12
N TYR A 217 -21.58 -6.35 17.38
CA TYR A 217 -20.78 -5.45 18.21
C TYR A 217 -21.62 -4.33 18.80
N ALA A 218 -21.10 -3.68 19.83
CA ALA A 218 -21.79 -2.58 20.48
C ALA A 218 -20.84 -1.40 20.69
N ALA A 219 -21.39 -0.19 20.69
CA ALA A 219 -20.58 1.02 20.82
C ALA A 219 -21.42 2.20 21.29
N SER A 220 -20.76 3.20 21.87
CA SER A 220 -21.43 4.41 22.32
C SER A 220 -21.83 5.28 21.14
N ARG A 221 -22.93 6.01 21.29
CA ARG A 221 -23.41 6.90 20.23
C ARG A 221 -22.40 7.98 19.90
N GLU A 222 -21.66 8.43 20.91
CA GLU A 222 -20.62 9.43 20.73
C GLU A 222 -19.57 8.99 19.72
N LEU A 223 -19.11 7.75 19.86
CA LEU A 223 -18.11 7.19 18.96
C LEU A 223 -18.67 7.01 17.55
N LEU A 224 -19.87 6.46 17.46
CA LEU A 224 -20.46 6.12 16.17
C LEU A 224 -20.77 7.35 15.33
N THR A 225 -21.29 8.39 15.98
CA THR A 225 -21.64 9.62 15.29
C THR A 225 -20.42 10.48 14.98
N SER A 226 -19.26 10.07 15.49
CA SER A 226 -18.03 10.80 15.27
C SER A 226 -17.19 10.16 14.16
N LEU A 227 -17.57 8.95 13.76
CA LEU A 227 -16.83 8.21 12.74
C LEU A 227 -17.55 8.20 11.40
N PRO A 228 -16.78 8.19 10.30
CA PRO A 228 -17.35 7.95 8.97
C PRO A 228 -17.75 6.50 8.81
N PHE A 229 -18.70 6.22 7.91
CA PHE A 229 -19.17 4.85 7.69
C PHE A 229 -18.83 4.34 6.29
N ALA A 230 -17.99 3.32 6.24
CA ALA A 230 -17.62 2.69 4.98
C ALA A 230 -18.83 2.04 4.30
N PRO A 231 -18.87 2.10 2.96
CA PRO A 231 -19.99 1.54 2.19
C PRO A 231 -19.96 0.02 2.11
N GLY A 232 -21.13 -0.58 1.86
CA GLY A 232 -21.25 -2.01 1.69
C GLY A 232 -20.80 -2.83 2.88
N TYR A 233 -20.03 -3.89 2.60
CA TYR A 233 -19.54 -4.78 3.65
C TYR A 233 -18.24 -4.27 4.27
N GLY A 234 -17.87 -3.04 3.93
CA GLY A 234 -16.67 -2.42 4.47
C GLY A 234 -16.88 -1.81 5.84
N VAL A 235 -18.13 -1.64 6.22
CA VAL A 235 -18.50 -0.92 7.44
C VAL A 235 -17.83 -1.47 8.71
N GLU A 236 -17.74 -2.80 8.83
CA GLU A 236 -17.18 -3.40 10.03
C GLU A 236 -15.69 -3.11 10.20
N ILE A 237 -14.91 -3.44 9.17
CA ILE A 237 -13.47 -3.25 9.22
C ILE A 237 -13.12 -1.75 9.26
N GLY A 238 -14.01 -0.92 8.73
CA GLY A 238 -13.81 0.50 8.73
C GLY A 238 -13.98 1.11 10.11
N LEU A 239 -15.01 0.68 10.82
CA LEU A 239 -15.29 1.19 12.17
C LEU A 239 -14.22 0.76 13.16
N LEU A 240 -13.67 -0.44 12.96
CA LEU A 240 -12.61 -0.94 13.82
C LEU A 240 -11.35 -0.09 13.73
N ILE A 241 -10.83 0.05 12.52
CA ILE A 241 -9.60 0.80 12.27
C ILE A 241 -9.76 2.27 12.66
N ASP A 242 -10.90 2.86 12.32
CA ASP A 242 -11.17 4.26 12.63
C ASP A 242 -11.27 4.50 14.13
N THR A 243 -11.79 3.51 14.85
CA THR A 243 -11.90 3.61 16.31
C THR A 243 -10.51 3.49 16.93
N PHE A 244 -9.71 2.57 16.40
CA PHE A 244 -8.33 2.39 16.85
C PHE A 244 -7.50 3.65 16.66
N ASP A 245 -7.58 4.23 15.47
CA ASP A 245 -6.83 5.44 15.14
C ASP A 245 -7.21 6.62 16.03
N ARG A 246 -8.46 6.63 16.49
CA ARG A 246 -8.99 7.77 17.24
C ARG A 246 -8.85 7.60 18.75
N LEU A 247 -8.96 6.37 19.24
CA LEU A 247 -9.02 6.15 20.67
C LEU A 247 -8.06 5.08 21.20
N GLY A 248 -7.41 4.36 20.29
CA GLY A 248 -6.46 3.33 20.69
C GLY A 248 -7.10 2.05 21.18
N LEU A 249 -6.29 1.01 21.35
CA LEU A 249 -6.74 -0.30 21.78
C LEU A 249 -7.50 -0.28 23.12
N ASP A 250 -7.17 0.68 23.97
CA ASP A 250 -7.76 0.77 25.30
C ASP A 250 -9.26 0.99 25.28
N ALA A 251 -9.76 1.57 24.18
CA ALA A 251 -11.18 1.85 24.05
C ALA A 251 -11.93 0.69 23.41
N ILE A 252 -11.20 -0.34 23.02
CA ILE A 252 -11.79 -1.49 22.35
C ILE A 252 -11.71 -2.74 23.23
N ALA A 253 -12.80 -3.49 23.27
CA ALA A 253 -12.84 -4.77 23.97
C ALA A 253 -13.47 -5.84 23.08
N GLN A 254 -13.16 -7.10 23.34
CA GLN A 254 -13.81 -8.18 22.61
C GLN A 254 -14.30 -9.28 23.55
N VAL A 255 -15.44 -9.89 23.19
CA VAL A 255 -16.12 -10.83 24.07
C VAL A 255 -16.51 -12.11 23.32
N ASN A 256 -16.22 -13.26 23.94
CA ASN A 256 -16.58 -14.55 23.36
C ASN A 256 -18.08 -14.79 23.45
N LEU A 257 -18.69 -15.17 22.34
CA LEU A 257 -20.13 -15.42 22.30
C LEU A 257 -20.44 -16.89 22.03
N GLY A 258 -19.40 -17.72 22.03
CA GLY A 258 -19.56 -19.15 21.86
C GLY A 258 -19.44 -19.61 20.42
N VAL A 259 -20.54 -20.07 19.85
CA VAL A 259 -20.55 -20.53 18.46
C VAL A 259 -21.56 -19.73 17.63
N ARG A 260 -21.22 -19.46 16.38
CA ARG A 260 -22.12 -18.72 15.49
C ARG A 260 -22.39 -19.48 14.20
N ALA A 261 -23.64 -19.43 13.77
CA ALA A 261 -24.04 -20.01 12.50
C ALA A 261 -24.88 -18.99 11.73
N HIS A 262 -24.62 -18.89 10.43
CA HIS A 262 -25.33 -17.94 9.59
C HIS A 262 -25.43 -18.48 8.17
N ARG A 263 -26.20 -17.79 7.33
CA ARG A 263 -26.39 -18.23 5.96
C ARG A 263 -25.07 -18.24 5.19
N ASN A 264 -24.61 -19.43 4.83
CA ASN A 264 -23.38 -19.55 4.07
C ASN A 264 -23.63 -19.12 2.64
N ARG A 265 -22.79 -18.23 2.14
CA ARG A 265 -23.01 -17.61 0.85
C ARG A 265 -22.13 -18.21 -0.23
N PRO A 266 -22.57 -18.13 -1.49
CA PRO A 266 -21.75 -18.64 -2.60
C PRO A 266 -20.44 -17.86 -2.74
N LEU A 267 -19.40 -18.53 -3.23
CA LEU A 267 -18.06 -17.97 -3.29
C LEU A 267 -17.98 -16.65 -4.07
N ASP A 268 -18.88 -16.48 -5.03
CA ASP A 268 -18.87 -15.27 -5.86
C ASP A 268 -19.27 -14.04 -5.06
N GLU A 269 -20.19 -14.22 -4.11
CA GLU A 269 -20.60 -13.12 -3.25
C GLU A 269 -19.50 -12.73 -2.28
N LEU A 270 -18.75 -13.74 -1.81
CA LEU A 270 -17.65 -13.50 -0.88
C LEU A 270 -16.50 -12.80 -1.59
N GLY A 271 -16.35 -13.06 -2.88
CA GLY A 271 -15.34 -12.40 -3.69
C GLY A 271 -15.61 -10.90 -3.75
N ALA A 272 -16.87 -10.55 -3.99
CA ALA A 272 -17.29 -9.16 -4.01
C ALA A 272 -17.19 -8.55 -2.62
N MET A 273 -17.56 -9.34 -1.62
CA MET A 273 -17.46 -8.93 -0.22
C MET A 273 -16.01 -8.63 0.15
N SER A 274 -15.12 -9.51 -0.27
CA SER A 274 -13.69 -9.35 -0.02
C SER A 274 -13.14 -8.09 -0.67
N ARG A 275 -13.60 -7.82 -1.89
CA ARG A 275 -13.16 -6.65 -2.64
C ARG A 275 -13.48 -5.35 -1.91
N GLN A 276 -14.66 -5.29 -1.29
CA GLN A 276 -15.07 -4.11 -0.55
C GLN A 276 -14.31 -3.97 0.76
N VAL A 277 -14.02 -5.10 1.39
CA VAL A 277 -13.23 -5.12 2.62
C VAL A 277 -11.82 -4.63 2.35
N ILE A 278 -11.26 -5.07 1.22
CA ILE A 278 -9.94 -4.64 0.80
C ILE A 278 -9.92 -3.15 0.49
N ALA A 279 -10.93 -2.69 -0.24
CA ALA A 279 -11.05 -1.29 -0.62
C ALA A 279 -11.08 -0.36 0.60
N THR A 280 -11.89 -0.74 1.59
CA THR A 280 -12.01 0.05 2.80
C THR A 280 -10.72 0.01 3.62
N LEU A 281 -10.13 -1.17 3.73
CA LEU A 281 -8.92 -1.36 4.53
C LEU A 281 -7.75 -0.59 3.93
N LEU A 282 -7.63 -0.61 2.60
CA LEU A 282 -6.58 0.14 1.91
C LEU A 282 -6.76 1.63 2.11
N SER A 283 -8.00 2.09 2.00
CA SER A 283 -8.34 3.50 2.20
C SER A 283 -7.88 4.02 3.57
N ARG A 284 -8.13 3.22 4.61
CA ARG A 284 -7.77 3.61 5.96
C ARG A 284 -6.27 3.60 6.19
N CYS A 285 -5.52 3.07 5.23
CA CYS A 285 -4.07 2.97 5.35
C CYS A 285 -3.34 3.90 4.39
N GLY A 286 -4.06 4.82 3.78
CA GLY A 286 -3.48 5.79 2.88
C GLY A 286 -3.04 5.21 1.55
N ILE A 287 -3.62 4.08 1.19
CA ILE A 287 -3.28 3.42 -0.07
C ILE A 287 -4.36 3.64 -1.12
N PRO A 288 -3.98 4.22 -2.27
CA PRO A 288 -4.90 4.49 -3.37
C PRO A 288 -5.51 3.21 -3.94
N ASP A 289 -6.84 3.14 -3.97
CA ASP A 289 -7.52 1.98 -4.54
C ASP A 289 -7.97 2.31 -5.96
N SER A 290 -7.85 1.33 -6.86
CA SER A 290 -8.16 1.53 -8.26
C SER A 290 -9.63 1.92 -8.47
N GLY A 291 -10.49 1.45 -7.59
CA GLY A 291 -11.91 1.70 -7.72
C GLY A 291 -12.56 0.75 -8.71
N VAL A 292 -11.76 -0.15 -9.28
CA VAL A 292 -12.26 -1.12 -10.24
C VAL A 292 -12.85 -2.34 -9.52
N GLY A 293 -14.11 -2.63 -9.84
CA GLY A 293 -14.80 -3.75 -9.23
C GLY A 293 -14.24 -5.09 -9.65
N LEU A 294 -14.43 -6.11 -8.80
CA LEU A 294 -13.97 -7.45 -9.11
C LEU A 294 -14.78 -8.06 -10.26
N THR A 295 -14.07 -8.55 -11.27
CA THR A 295 -14.73 -9.22 -12.39
C THR A 295 -14.57 -10.73 -12.27
N GLN A 296 -15.65 -11.47 -12.53
CA GLN A 296 -15.61 -12.92 -12.45
C GLN A 296 -16.07 -13.57 -13.75
N PHE A 297 -15.41 -14.67 -14.11
CA PHE A 297 -15.75 -15.40 -15.32
C PHE A 297 -16.27 -16.80 -14.99
N LEU A 298 -17.60 -16.92 -14.88
CA LEU A 298 -18.22 -18.19 -14.53
C LEU A 298 -18.97 -18.78 -15.71
N TYR A 307 -18.85 -19.69 -19.41
CA TYR A 307 -17.76 -18.75 -19.13
C TYR A 307 -18.09 -17.35 -19.63
N THR A 308 -18.78 -16.57 -18.81
CA THR A 308 -19.20 -15.23 -19.17
C THR A 308 -18.82 -14.21 -18.11
N ARG A 309 -18.68 -12.95 -18.53
CA ARG A 309 -18.16 -11.90 -17.67
C ARG A 309 -19.23 -11.09 -16.92
N HIS A 310 -19.05 -10.97 -15.60
CA HIS A 310 -19.87 -10.09 -14.79
C HIS A 310 -19.01 -9.32 -13.78
N THR A 311 -19.30 -8.02 -13.63
CA THR A 311 -18.51 -7.16 -12.75
C THR A 311 -19.31 -6.67 -11.55
N TRP A 312 -18.79 -6.91 -10.34
CA TRP A 312 -19.45 -6.48 -9.11
C TRP A 312 -19.01 -5.07 -8.71
N PRO A 313 -19.98 -4.25 -8.26
CA PRO A 313 -19.72 -2.88 -7.81
C PRO A 313 -18.84 -2.77 -6.57
N VAL A 314 -17.96 -1.78 -6.55
CA VAL A 314 -17.18 -1.46 -5.35
C VAL A 314 -17.25 0.05 -5.11
N SER A 315 -17.25 0.46 -3.85
CA SER A 315 -17.39 1.87 -3.52
C SER A 315 -16.27 2.38 -2.62
N LEU A 316 -15.74 3.53 -2.96
CA LEU A 316 -14.68 4.16 -2.19
C LEU A 316 -15.23 5.35 -1.40
N VAL A 317 -16.55 5.47 -1.38
CA VAL A 317 -17.20 6.65 -0.81
C VAL A 317 -17.77 6.38 0.58
N ASP A 318 -17.13 6.96 1.59
CA ASP A 318 -17.63 6.89 2.95
C ASP A 318 -18.76 7.88 3.18
N ARG A 319 -19.65 7.55 4.13
CA ARG A 319 -20.61 8.52 4.62
C ARG A 319 -19.95 9.33 5.73
N PRO A 320 -20.24 10.63 5.81
CA PRO A 320 -19.63 11.47 6.84
C PRO A 320 -20.19 11.15 8.22
N PRO A 321 -19.47 11.50 9.30
CA PRO A 321 -19.97 11.33 10.66
C PRO A 321 -21.37 11.91 10.83
N MET A 322 -22.24 11.19 11.54
CA MET A 322 -23.64 11.57 11.66
C MET A 322 -23.80 12.94 12.33
N LYS A 323 -22.79 13.36 13.08
CA LYS A 323 -22.76 14.68 13.71
C LYS A 323 -23.04 15.82 12.73
N VAL A 324 -22.50 15.71 11.52
CA VAL A 324 -22.65 16.77 10.52
C VAL A 324 -24.08 16.91 10.02
N MET A 325 -24.97 16.02 10.48
CA MET A 325 -26.38 16.09 10.11
C MET A 325 -27.22 16.61 11.28
N ARG A 326 -26.58 17.27 12.23
CA ARG A 326 -27.27 17.83 13.38
C ARG A 326 -28.14 19.00 13.00
N ALA B 23 -11.85 -11.16 -26.78
CA ALA B 23 -12.71 -10.29 -25.97
C ALA B 23 -11.97 -9.76 -24.76
N LEU B 24 -10.74 -10.24 -24.57
CA LEU B 24 -9.92 -9.83 -23.44
C LEU B 24 -8.58 -9.26 -23.91
N PRO B 25 -8.03 -8.30 -23.15
CA PRO B 25 -6.72 -7.72 -23.47
C PRO B 25 -5.58 -8.71 -23.25
N LEU B 26 -5.93 -9.95 -22.93
CA LEU B 26 -4.96 -11.00 -22.65
C LEU B 26 -5.17 -12.18 -23.61
N ASP B 27 -4.10 -12.63 -24.24
CA ASP B 27 -4.18 -13.75 -25.18
C ASP B 27 -4.70 -14.99 -24.48
N THR B 28 -5.94 -15.38 -24.80
CA THR B 28 -6.63 -16.42 -24.03
C THR B 28 -7.17 -17.55 -24.90
N THR B 29 -6.66 -18.76 -24.66
CA THR B 29 -7.17 -19.96 -25.32
C THR B 29 -8.25 -20.61 -24.44
N TRP B 30 -9.50 -20.55 -24.88
CA TRP B 30 -10.62 -21.02 -24.07
C TRP B 30 -10.92 -22.51 -24.25
N HIS B 31 -10.73 -23.02 -25.46
CA HIS B 31 -11.02 -24.42 -25.74
C HIS B 31 -9.73 -25.19 -25.98
N ARG B 32 -9.84 -26.52 -26.03
CA ARG B 32 -8.66 -27.37 -26.24
C ARG B 32 -7.88 -26.96 -27.49
N PRO B 33 -6.61 -26.59 -27.30
CA PRO B 33 -5.70 -26.16 -28.38
C PRO B 33 -5.64 -27.15 -29.53
N GLY B 34 -5.48 -26.65 -30.74
CA GLY B 34 -5.51 -27.47 -31.93
C GLY B 34 -4.22 -28.21 -32.21
N TRP B 35 -3.11 -27.65 -31.74
CA TRP B 35 -1.78 -28.21 -31.99
C TRP B 35 -1.66 -29.66 -31.55
N THR B 36 -0.86 -30.44 -32.27
CA THR B 36 -0.57 -31.82 -31.90
C THR B 36 0.85 -31.91 -31.37
N ILE B 37 1.16 -33.03 -30.69
CA ILE B 37 2.48 -33.25 -30.13
C ILE B 37 3.55 -33.21 -31.23
N GLY B 38 3.17 -33.65 -32.44
CA GLY B 38 4.07 -33.62 -33.58
C GLY B 38 4.35 -32.20 -34.04
N GLU B 39 3.30 -31.41 -34.19
CA GLU B 39 3.41 -30.03 -34.65
C GLU B 39 4.22 -29.17 -33.68
N LEU B 40 3.96 -29.33 -32.39
CA LEU B 40 4.65 -28.56 -31.36
C LEU B 40 6.15 -28.85 -31.35
N GLU B 41 6.51 -30.12 -31.52
CA GLU B 41 7.91 -30.53 -31.50
C GLU B 41 8.67 -29.95 -32.70
N ALA B 42 7.95 -29.73 -33.79
CA ALA B 42 8.54 -29.11 -34.98
C ALA B 42 8.83 -27.63 -34.74
N ALA B 43 7.86 -26.93 -34.18
CA ALA B 43 7.96 -25.48 -33.96
C ALA B 43 9.02 -25.10 -32.93
N LYS B 44 9.62 -26.11 -32.28
CA LYS B 44 10.66 -25.87 -31.28
C LYS B 44 11.85 -25.13 -31.89
N ALA B 45 12.27 -25.57 -33.08
CA ALA B 45 13.32 -24.92 -33.85
C ALA B 45 14.62 -24.78 -33.06
N GLY B 46 15.11 -25.89 -32.51
CA GLY B 46 16.37 -25.90 -31.79
C GLY B 46 16.24 -25.62 -30.31
N ARG B 47 15.14 -24.99 -29.91
CA ARG B 47 14.88 -24.70 -28.51
C ARG B 47 14.62 -25.98 -27.72
N THR B 48 15.09 -26.01 -26.47
CA THR B 48 14.85 -27.15 -25.60
C THR B 48 13.77 -26.85 -24.58
N ILE B 49 13.17 -27.89 -24.03
CA ILE B 49 12.10 -27.72 -23.05
C ILE B 49 12.35 -28.55 -21.78
N SER B 50 12.44 -27.87 -20.64
CA SER B 50 12.58 -28.53 -19.36
C SER B 50 11.27 -28.46 -18.58
N VAL B 51 10.90 -29.57 -17.94
CA VAL B 51 9.72 -29.60 -17.11
C VAL B 51 10.12 -29.86 -15.66
N VAL B 52 9.61 -29.02 -14.75
CA VAL B 52 9.96 -29.13 -13.35
C VAL B 52 8.74 -29.40 -12.48
N LEU B 53 8.83 -30.46 -11.66
CA LEU B 53 7.77 -30.78 -10.72
C LEU B 53 8.23 -30.53 -9.28
N PRO B 54 7.79 -29.43 -8.67
CA PRO B 54 8.08 -29.15 -7.26
C PRO B 54 7.28 -30.06 -6.33
N ALA B 55 7.95 -30.63 -5.32
CA ALA B 55 7.31 -31.62 -4.46
C ALA B 55 7.73 -31.54 -3.01
N LEU B 56 6.75 -31.43 -2.13
CA LEU B 56 6.97 -31.54 -0.69
C LEU B 56 5.92 -32.47 -0.10
N ASN B 57 6.31 -33.71 0.19
CA ASN B 57 5.41 -34.72 0.72
C ASN B 57 4.19 -34.93 -0.17
N GLU B 58 4.40 -35.47 -1.37
CA GLU B 58 3.34 -35.65 -2.33
C GLU B 58 3.26 -37.08 -2.86
N GLU B 59 3.50 -38.06 -1.97
CA GLU B 59 3.58 -39.46 -2.37
C GLU B 59 2.29 -40.00 -3.00
N ALA B 60 1.15 -39.45 -2.59
CA ALA B 60 -0.14 -39.95 -3.03
C ALA B 60 -0.46 -39.61 -4.49
N THR B 61 0.21 -38.60 -5.03
CA THR B 61 -0.14 -38.08 -6.35
C THR B 61 1.04 -37.93 -7.31
N ILE B 62 2.26 -38.00 -6.77
CA ILE B 62 3.45 -37.73 -7.56
C ILE B 62 3.65 -38.71 -8.73
N GLU B 63 3.30 -39.97 -8.51
CA GLU B 63 3.48 -40.99 -9.55
C GLU B 63 2.59 -40.75 -10.76
N SER B 64 1.34 -40.41 -10.51
CA SER B 64 0.38 -40.14 -11.59
C SER B 64 0.83 -38.95 -12.44
N VAL B 65 1.40 -37.94 -11.79
CA VAL B 65 1.84 -36.73 -12.48
C VAL B 65 3.03 -37.01 -13.39
N ILE B 66 4.04 -37.68 -12.86
CA ILE B 66 5.24 -38.03 -13.62
C ILE B 66 4.88 -38.90 -14.82
N ASP B 67 4.04 -39.91 -14.60
CA ASP B 67 3.66 -40.85 -15.65
C ASP B 67 2.94 -40.18 -16.81
N SER B 68 2.20 -39.11 -16.51
CA SER B 68 1.47 -38.38 -17.54
C SER B 68 2.37 -37.52 -18.41
N ILE B 69 3.63 -37.34 -17.99
CA ILE B 69 4.55 -36.45 -18.68
C ILE B 69 5.72 -37.21 -19.32
N SER B 70 6.17 -38.26 -18.64
CA SER B 70 7.35 -39.01 -19.07
C SER B 70 7.34 -39.60 -20.49
N PRO B 71 6.15 -39.92 -21.06
CA PRO B 71 6.20 -40.32 -22.48
C PRO B 71 6.68 -39.22 -23.42
N LEU B 72 6.70 -37.98 -22.96
CA LEU B 72 7.12 -36.86 -23.79
C LEU B 72 8.64 -36.66 -23.77
N VAL B 73 9.32 -37.36 -22.86
CA VAL B 73 10.77 -37.23 -22.71
C VAL B 73 11.48 -37.72 -23.98
N ASP B 74 12.56 -37.02 -24.34
CA ASP B 74 13.37 -37.28 -25.53
C ASP B 74 12.64 -36.84 -26.81
N GLY B 75 11.38 -36.45 -26.66
CA GLY B 75 10.61 -35.92 -27.77
C GLY B 75 10.36 -34.44 -27.58
N LEU B 76 9.11 -34.06 -27.33
CA LEU B 76 8.75 -32.67 -27.07
C LEU B 76 9.46 -32.14 -25.83
N VAL B 77 9.54 -32.96 -24.79
CA VAL B 77 10.22 -32.60 -23.56
C VAL B 77 11.63 -33.18 -23.53
N ASP B 78 12.63 -32.31 -23.41
CA ASP B 78 14.01 -32.74 -23.39
C ASP B 78 14.48 -33.11 -21.98
N GLU B 79 13.82 -32.56 -20.97
CA GLU B 79 14.26 -32.71 -19.60
C GLU B 79 13.11 -32.69 -18.61
N LEU B 80 13.07 -33.67 -17.72
CA LEU B 80 12.05 -33.73 -16.67
C LEU B 80 12.68 -34.08 -15.32
N ILE B 81 12.59 -33.15 -14.38
CA ILE B 81 13.13 -33.37 -13.04
C ILE B 81 12.07 -33.13 -11.97
N VAL B 82 12.23 -33.80 -10.84
CA VAL B 82 11.42 -33.53 -9.66
C VAL B 82 12.25 -32.77 -8.63
N LEU B 83 11.78 -31.59 -8.23
CA LEU B 83 12.48 -30.80 -7.24
C LEU B 83 11.95 -31.13 -5.85
N ASP B 84 12.66 -32.01 -5.15
CA ASP B 84 12.24 -32.44 -3.82
C ASP B 84 12.52 -31.37 -2.79
N SER B 85 11.46 -30.82 -2.21
CA SER B 85 11.60 -29.72 -1.26
C SER B 85 11.72 -30.23 0.17
N GLY B 86 12.42 -31.35 0.35
CA GLY B 86 12.66 -31.90 1.67
C GLY B 86 11.56 -32.81 2.18
N SER B 87 11.01 -33.64 1.29
CA SER B 87 9.94 -34.57 1.66
C SER B 87 10.44 -35.60 2.67
N THR B 88 9.58 -35.96 3.61
CA THR B 88 9.92 -36.96 4.62
C THR B 88 9.17 -38.26 4.39
N ASP B 89 8.23 -38.26 3.46
CA ASP B 89 7.50 -39.46 3.10
C ASP B 89 8.15 -40.18 1.92
N ASP B 90 7.38 -41.02 1.24
CA ASP B 90 7.91 -41.84 0.16
C ASP B 90 7.87 -41.13 -1.20
N THR B 91 7.93 -39.80 -1.18
CA THR B 91 7.86 -39.03 -2.42
C THR B 91 9.03 -39.34 -3.35
N GLU B 92 10.24 -39.36 -2.79
CA GLU B 92 11.44 -39.56 -3.59
C GLU B 92 11.49 -40.96 -4.21
N ILE B 93 11.27 -41.98 -3.39
CA ILE B 93 11.38 -43.35 -3.84
C ILE B 93 10.33 -43.71 -4.88
N ARG B 94 9.13 -43.13 -4.76
CA ARG B 94 8.07 -43.36 -5.74
C ARG B 94 8.37 -42.61 -7.03
N ALA B 95 8.95 -41.42 -6.90
CA ALA B 95 9.34 -40.63 -8.06
C ALA B 95 10.43 -41.33 -8.86
N ILE B 96 11.42 -41.87 -8.15
CA ILE B 96 12.49 -42.65 -8.76
C ILE B 96 11.92 -43.88 -9.46
N ALA B 97 10.98 -44.54 -8.80
CA ALA B 97 10.34 -45.74 -9.34
C ALA B 97 9.52 -45.46 -10.61
N SER B 98 9.27 -44.18 -10.87
CA SER B 98 8.55 -43.79 -12.08
C SER B 98 9.53 -43.30 -13.16
N GLY B 99 10.82 -43.47 -12.90
CA GLY B 99 11.84 -43.17 -13.88
C GLY B 99 12.22 -41.69 -13.95
N ALA B 100 11.76 -40.90 -13.00
CA ALA B 100 12.05 -39.48 -12.99
C ALA B 100 13.34 -39.18 -12.24
N ARG B 101 14.09 -38.21 -12.72
CA ARG B 101 15.29 -37.74 -12.03
C ARG B 101 14.91 -36.82 -10.88
N VAL B 102 15.33 -37.18 -9.67
CA VAL B 102 14.97 -36.42 -8.48
C VAL B 102 16.11 -35.54 -7.99
N VAL B 103 15.88 -34.23 -7.99
CA VAL B 103 16.89 -33.29 -7.54
C VAL B 103 16.44 -32.60 -6.26
N SER B 104 17.24 -32.69 -5.21
CA SER B 104 16.95 -32.01 -3.97
C SER B 104 17.34 -30.54 -4.07
N ARG B 105 16.86 -29.72 -3.14
CA ARG B 105 17.19 -28.31 -3.11
C ARG B 105 18.69 -28.10 -2.96
N GLU B 106 19.32 -28.96 -2.17
CA GLU B 106 20.77 -28.92 -1.98
C GLU B 106 21.53 -29.22 -3.28
N GLN B 107 21.08 -30.24 -4.01
CA GLN B 107 21.74 -30.64 -5.24
C GLN B 107 21.61 -29.62 -6.35
N ALA B 108 20.51 -28.86 -6.33
CA ALA B 108 20.23 -27.88 -7.37
C ALA B 108 21.20 -26.70 -7.30
N LEU B 109 21.60 -26.33 -6.08
CA LEU B 109 22.50 -25.21 -5.86
C LEU B 109 23.23 -25.35 -4.52
N PRO B 110 24.29 -26.18 -4.51
CA PRO B 110 24.99 -26.54 -3.26
C PRO B 110 25.74 -25.39 -2.60
N GLU B 111 26.11 -24.36 -3.35
CA GLU B 111 26.87 -23.25 -2.79
C GLU B 111 26.06 -22.44 -1.81
N VAL B 112 24.73 -22.46 -1.96
CA VAL B 112 23.86 -21.64 -1.14
C VAL B 112 22.98 -22.50 -0.22
N PRO B 113 23.03 -22.22 1.09
CA PRO B 113 22.16 -22.87 2.08
C PRO B 113 20.68 -22.75 1.73
N VAL B 114 19.89 -23.72 2.18
CA VAL B 114 18.49 -23.82 1.76
C VAL B 114 17.53 -23.08 2.69
N ARG B 115 16.65 -22.28 2.10
CA ARG B 115 15.56 -21.64 2.83
C ARG B 115 14.26 -22.43 2.62
N PRO B 116 13.35 -22.37 3.59
CA PRO B 116 12.06 -23.04 3.41
C PRO B 116 11.16 -22.31 2.43
N GLY B 117 10.17 -23.01 1.88
CA GLY B 117 9.20 -22.38 0.99
C GLY B 117 9.21 -22.92 -0.42
N LYS B 118 8.07 -22.76 -1.10
CA LYS B 118 7.93 -23.22 -2.48
C LYS B 118 8.81 -22.41 -3.44
N GLY B 119 8.74 -21.09 -3.32
CA GLY B 119 9.52 -20.20 -4.16
C GLY B 119 11.01 -20.51 -4.21
N GLU B 120 11.56 -20.92 -3.07
CA GLU B 120 12.96 -21.33 -3.00
C GLU B 120 13.24 -22.49 -3.94
N ALA B 121 12.38 -23.50 -3.90
CA ALA B 121 12.54 -24.69 -4.73
C ALA B 121 12.45 -24.35 -6.22
N LEU B 122 11.44 -23.55 -6.58
CA LEU B 122 11.24 -23.15 -7.97
C LEU B 122 12.42 -22.32 -8.49
N TRP B 123 12.97 -21.48 -7.63
CA TRP B 123 14.15 -20.69 -7.97
C TRP B 123 15.36 -21.58 -8.24
N ARG B 124 15.64 -22.47 -7.29
CA ARG B 124 16.76 -23.40 -7.40
C ARG B 124 16.65 -24.33 -8.61
N SER B 125 15.42 -24.58 -9.05
CA SER B 125 15.18 -25.50 -10.15
C SER B 125 15.75 -24.96 -11.46
N LEU B 126 15.89 -23.65 -11.55
CA LEU B 126 16.48 -23.01 -12.72
C LEU B 126 17.94 -23.39 -12.87
N ALA B 127 18.60 -23.68 -11.75
CA ALA B 127 20.01 -24.07 -11.77
C ALA B 127 20.16 -25.56 -12.05
N ALA B 128 19.06 -26.29 -12.02
CA ALA B 128 19.09 -27.73 -12.23
C ALA B 128 18.60 -28.11 -13.63
N THR B 129 18.20 -27.10 -14.39
CA THR B 129 17.72 -27.32 -15.76
C THR B 129 18.47 -26.44 -16.75
N SER B 130 18.37 -26.78 -18.03
CA SER B 130 19.09 -26.06 -19.07
C SER B 130 18.20 -25.76 -20.28
N GLY B 131 16.91 -26.00 -20.14
CA GLY B 131 15.98 -25.77 -21.23
C GLY B 131 15.72 -24.30 -21.51
N ASP B 132 15.47 -23.99 -22.79
CA ASP B 132 15.11 -22.63 -23.18
C ASP B 132 13.72 -22.29 -22.68
N ILE B 133 12.87 -23.31 -22.54
CA ILE B 133 11.54 -23.14 -22.00
C ILE B 133 11.36 -24.02 -20.77
N VAL B 134 10.90 -23.42 -19.66
CA VAL B 134 10.70 -24.16 -18.43
C VAL B 134 9.23 -24.25 -18.06
N VAL B 135 8.75 -25.47 -17.84
CA VAL B 135 7.36 -25.70 -17.48
C VAL B 135 7.25 -26.14 -16.02
N PHE B 136 6.34 -25.50 -15.29
CA PHE B 136 6.12 -25.85 -13.90
C PHE B 136 4.75 -26.51 -13.72
N ILE B 137 4.75 -27.69 -13.10
CA ILE B 137 3.52 -28.41 -12.83
C ILE B 137 3.49 -28.86 -11.37
N ASP B 138 2.41 -28.53 -10.67
CA ASP B 138 2.26 -28.93 -9.28
C ASP B 138 2.07 -30.44 -9.18
N SER B 139 2.66 -31.04 -8.16
CA SER B 139 2.64 -32.49 -8.01
C SER B 139 1.54 -32.97 -7.07
N ASP B 140 0.63 -32.06 -6.72
CA ASP B 140 -0.51 -32.42 -5.88
C ASP B 140 -1.75 -32.59 -6.74
N LEU B 141 -1.54 -32.67 -8.05
CA LEU B 141 -2.62 -32.89 -9.00
C LEU B 141 -3.21 -34.30 -8.89
N ILE B 142 -4.53 -34.38 -8.87
CA ILE B 142 -5.22 -35.66 -8.88
C ILE B 142 -5.58 -36.03 -10.31
N ASN B 143 -4.89 -37.02 -10.87
CA ASN B 143 -5.05 -37.43 -12.27
C ASN B 143 -4.96 -36.26 -13.25
N PRO B 144 -3.73 -35.83 -13.56
CA PRO B 144 -3.52 -34.76 -14.54
C PRO B 144 -3.58 -35.27 -15.98
N HIS B 145 -4.10 -34.44 -16.88
CA HIS B 145 -4.18 -34.79 -18.30
C HIS B 145 -2.79 -34.80 -18.92
N PRO B 146 -2.50 -35.81 -19.75
CA PRO B 146 -1.17 -35.95 -20.37
C PRO B 146 -0.86 -34.88 -21.42
N LEU B 147 -1.81 -33.99 -21.68
CA LEU B 147 -1.60 -32.90 -22.64
C LEU B 147 -1.39 -31.55 -21.96
N PHE B 148 -1.21 -31.57 -20.64
CA PHE B 148 -0.96 -30.35 -19.87
C PHE B 148 0.25 -29.58 -20.39
N VAL B 149 1.39 -30.26 -20.45
CA VAL B 149 2.63 -29.64 -20.93
C VAL B 149 2.54 -29.15 -22.38
N PRO B 150 1.99 -29.98 -23.30
CA PRO B 150 1.80 -29.45 -24.66
C PRO B 150 0.90 -28.21 -24.72
N TRP B 151 -0.19 -28.24 -23.95
CA TRP B 151 -1.13 -27.12 -23.93
C TRP B 151 -0.51 -25.83 -23.38
N LEU B 152 0.56 -25.98 -22.59
CA LEU B 152 1.20 -24.83 -21.96
C LEU B 152 2.27 -24.21 -22.86
N VAL B 153 3.06 -25.05 -23.52
CA VAL B 153 4.12 -24.57 -24.39
C VAL B 153 3.59 -24.16 -25.76
N GLY B 154 2.29 -24.33 -25.96
CA GLY B 154 1.62 -23.93 -27.19
C GLY B 154 1.93 -22.52 -27.65
N PRO B 155 1.42 -21.51 -26.92
CA PRO B 155 1.61 -20.10 -27.25
C PRO B 155 3.09 -19.68 -27.30
N LEU B 156 3.96 -20.43 -26.65
CA LEU B 156 5.39 -20.10 -26.65
C LEU B 156 6.08 -20.57 -27.93
N LEU B 157 5.62 -21.69 -28.46
CA LEU B 157 6.29 -22.31 -29.61
C LEU B 157 5.73 -21.81 -30.93
N THR B 158 4.43 -21.55 -30.97
CA THR B 158 3.76 -21.12 -32.19
C THR B 158 3.75 -19.60 -32.33
N GLY B 159 3.02 -18.94 -31.43
CA GLY B 159 2.95 -17.49 -31.43
C GLY B 159 4.27 -16.81 -31.14
N GLU B 160 4.28 -15.49 -31.23
CA GLU B 160 5.47 -14.71 -30.92
C GLU B 160 5.14 -13.58 -29.96
N GLY B 161 6.12 -13.19 -29.14
CA GLY B 161 5.93 -12.15 -28.15
C GLY B 161 5.59 -12.74 -26.79
N ILE B 162 5.03 -13.95 -26.78
CA ILE B 162 4.64 -14.62 -25.56
C ILE B 162 5.87 -15.22 -24.87
N GLN B 163 6.04 -14.89 -23.58
CA GLN B 163 7.14 -15.45 -22.80
C GLN B 163 6.64 -16.05 -21.48
N LEU B 164 5.35 -15.89 -21.22
CA LEU B 164 4.73 -16.46 -20.02
C LEU B 164 3.33 -16.97 -20.32
N VAL B 165 3.09 -18.24 -20.02
CA VAL B 165 1.78 -18.84 -20.22
C VAL B 165 1.21 -19.39 -18.93
N LYS B 166 0.11 -18.79 -18.47
CA LYS B 166 -0.57 -19.26 -17.26
C LYS B 166 -1.70 -20.20 -17.65
N SER B 167 -2.14 -21.01 -16.70
CA SER B 167 -3.27 -21.90 -16.94
C SER B 167 -4.50 -21.46 -16.15
N PHE B 168 -5.67 -21.89 -16.60
CA PHE B 168 -6.88 -21.73 -15.80
C PHE B 168 -7.75 -22.97 -15.93
N TYR B 169 -8.68 -23.15 -15.00
N TYR B 169 -8.61 -23.17 -14.94
CA TYR B 169 -9.45 -24.37 -14.94
CA TYR B 169 -9.36 -24.43 -14.76
C TYR B 169 -10.81 -24.19 -14.31
C TYR B 169 -10.84 -24.22 -14.47
N ARG B 170 -11.48 -25.31 -14.06
CA ARG B 170 -12.89 -25.33 -13.62
C ARG B 170 -13.82 -24.40 -14.42
C GLY B 186 -13.55 -23.98 -3.69
N GLY B 187 -12.60 -24.18 -4.59
CA GLY B 187 -12.63 -23.54 -5.89
C GLY B 187 -11.62 -22.40 -5.99
N GLY B 188 -10.52 -22.53 -5.27
CA GLY B 188 -9.52 -21.48 -5.21
C GLY B 188 -9.96 -20.36 -4.29
N ARG B 189 -10.07 -20.67 -3.00
CA ARG B 189 -10.53 -19.71 -2.02
C ARG B 189 -9.56 -18.54 -1.87
N VAL B 190 -8.28 -18.84 -1.80
CA VAL B 190 -7.26 -17.80 -1.73
C VAL B 190 -7.22 -17.03 -3.05
N THR B 191 -7.42 -17.75 -4.15
CA THR B 191 -7.46 -17.13 -5.47
C THR B 191 -8.60 -16.13 -5.59
N GLU B 192 -9.81 -16.58 -5.25
CA GLU B 192 -11.02 -15.79 -5.48
C GLU B 192 -11.30 -14.75 -4.40
N LEU B 193 -10.73 -14.94 -3.21
CA LEU B 193 -10.98 -14.01 -2.10
C LEU B 193 -9.81 -13.09 -1.82
N VAL B 194 -8.61 -13.52 -2.19
CA VAL B 194 -7.42 -12.75 -1.88
C VAL B 194 -6.72 -12.22 -3.13
N ALA B 195 -6.21 -13.13 -3.96
CA ALA B 195 -5.38 -12.76 -5.09
C ALA B 195 -6.11 -11.86 -6.09
N ARG B 196 -7.22 -12.36 -6.63
CA ARG B 196 -7.96 -11.62 -7.66
C ARG B 196 -8.63 -10.33 -7.16
N PRO B 197 -9.19 -10.33 -5.93
CA PRO B 197 -9.70 -9.04 -5.47
C PRO B 197 -8.60 -8.02 -5.18
N LEU B 198 -7.45 -8.48 -4.70
CA LEU B 198 -6.32 -7.59 -4.43
C LEU B 198 -5.74 -7.06 -5.73
N LEU B 199 -5.68 -7.92 -6.75
CA LEU B 199 -5.22 -7.49 -8.07
C LEU B 199 -6.16 -6.43 -8.64
N ALA B 200 -7.46 -6.64 -8.46
CA ALA B 200 -8.45 -5.67 -8.93
C ALA B 200 -8.24 -4.31 -8.27
N ALA B 201 -7.77 -4.34 -7.02
CA ALA B 201 -7.57 -3.11 -6.25
C ALA B 201 -6.27 -2.40 -6.60
N LEU B 202 -5.20 -3.15 -6.84
CA LEU B 202 -3.88 -2.55 -7.00
C LEU B 202 -3.27 -2.70 -8.39
N ARG B 203 -3.79 -3.64 -9.17
CA ARG B 203 -3.30 -3.87 -10.53
C ARG B 203 -4.44 -4.30 -11.45
N PRO B 204 -5.44 -3.43 -11.66
CA PRO B 204 -6.68 -3.79 -12.36
C PRO B 204 -6.45 -4.30 -13.79
N GLU B 205 -5.27 -4.02 -14.35
CA GLU B 205 -4.94 -4.49 -15.69
C GLU B 205 -4.80 -6.00 -15.73
N LEU B 206 -4.51 -6.60 -14.58
CA LEU B 206 -4.35 -8.05 -14.49
C LEU B 206 -5.64 -8.72 -14.01
N GLY B 207 -6.74 -7.97 -14.02
CA GLY B 207 -8.02 -8.49 -13.60
C GLY B 207 -8.60 -9.53 -14.54
N CYS B 208 -8.03 -9.64 -15.74
N CYS B 208 -8.04 -9.63 -15.74
CA CYS B 208 -8.51 -10.58 -16.74
CA CYS B 208 -8.49 -10.57 -16.74
C CYS B 208 -7.86 -11.95 -16.57
C CYS B 208 -7.89 -11.96 -16.54
N VAL B 209 -6.86 -12.03 -15.69
CA VAL B 209 -6.22 -13.31 -15.39
C VAL B 209 -7.13 -14.13 -14.49
N LEU B 210 -7.44 -15.35 -14.93
CA LEU B 210 -8.42 -16.18 -14.24
C LEU B 210 -7.83 -16.93 -13.06
N GLN B 211 -6.59 -17.40 -13.22
CA GLN B 211 -5.91 -18.10 -12.14
C GLN B 211 -4.48 -17.57 -11.95
N PRO B 212 -4.36 -16.43 -11.25
CA PRO B 212 -3.05 -15.80 -11.02
C PRO B 212 -2.14 -16.66 -10.13
N LEU B 213 -2.75 -17.49 -9.29
CA LEU B 213 -2.00 -18.34 -8.37
C LEU B 213 -1.81 -19.74 -8.91
N SER B 214 -2.04 -19.92 -10.20
CA SER B 214 -1.95 -21.24 -10.83
C SER B 214 -0.55 -21.81 -10.74
N GLY B 215 -0.44 -23.06 -10.30
CA GLY B 215 0.84 -23.73 -10.18
C GLY B 215 1.28 -24.35 -11.49
N GLU B 216 0.39 -24.32 -12.49
CA GLU B 216 0.72 -24.87 -13.80
C GLU B 216 0.94 -23.74 -14.79
N TYR B 217 2.20 -23.54 -15.18
CA TYR B 217 2.54 -22.49 -16.12
C TYR B 217 3.88 -22.75 -16.79
N ALA B 218 4.12 -22.08 -17.91
CA ALA B 218 5.37 -22.22 -18.64
C ALA B 218 5.93 -20.86 -19.02
N ALA B 219 7.25 -20.77 -19.10
CA ALA B 219 7.92 -19.51 -19.41
C ALA B 219 9.32 -19.74 -19.95
N SER B 220 9.84 -18.77 -20.69
CA SER B 220 11.18 -18.85 -21.24
C SER B 220 12.23 -18.64 -20.15
N ARG B 221 13.38 -19.29 -20.31
CA ARG B 221 14.48 -19.15 -19.36
C ARG B 221 14.96 -17.70 -19.28
N GLU B 222 14.87 -17.00 -20.40
CA GLU B 222 15.25 -15.60 -20.47
C GLU B 222 14.46 -14.76 -19.47
N LEU B 223 13.15 -14.96 -19.44
CA LEU B 223 12.27 -14.24 -18.52
C LEU B 223 12.50 -14.65 -17.06
N LEU B 224 12.59 -15.95 -16.83
CA LEU B 224 12.66 -16.48 -15.47
C LEU B 224 13.96 -16.11 -14.75
N THR B 225 15.07 -16.16 -15.47
CA THR B 225 16.38 -15.86 -14.88
C THR B 225 16.61 -14.36 -14.74
N SER B 226 15.68 -13.56 -15.26
CA SER B 226 15.77 -12.11 -15.18
C SER B 226 14.89 -11.55 -14.07
N LEU B 227 14.01 -12.41 -13.54
CA LEU B 227 13.07 -11.99 -12.51
C LEU B 227 13.48 -12.50 -11.13
N PRO B 228 13.19 -11.72 -10.08
CA PRO B 228 13.35 -12.20 -8.71
C PRO B 228 12.26 -13.21 -8.34
N PHE B 229 12.54 -14.09 -7.39
CA PHE B 229 11.58 -15.10 -6.98
C PHE B 229 11.11 -14.88 -5.55
N ALA B 230 9.81 -14.59 -5.40
CA ALA B 230 9.21 -14.39 -4.09
C ALA B 230 9.26 -15.67 -3.25
N PRO B 231 9.45 -15.52 -1.94
CA PRO B 231 9.56 -16.67 -1.03
C PRO B 231 8.21 -17.33 -0.77
N GLY B 232 8.24 -18.60 -0.38
CA GLY B 232 7.03 -19.33 -0.04
C GLY B 232 6.01 -19.40 -1.16
N TYR B 233 4.75 -19.17 -0.80
CA TYR B 233 3.65 -19.23 -1.76
C TYR B 233 3.46 -17.92 -2.53
N GLY B 234 4.40 -17.01 -2.39
CA GLY B 234 4.34 -15.74 -3.09
C GLY B 234 4.84 -15.82 -4.53
N VAL B 235 5.54 -16.91 -4.83
CA VAL B 235 6.23 -17.06 -6.12
C VAL B 235 5.33 -16.89 -7.35
N GLU B 236 4.12 -17.43 -7.32
CA GLU B 236 3.23 -17.35 -8.47
C GLU B 236 2.78 -15.92 -8.75
N ILE B 237 2.19 -15.29 -7.75
CA ILE B 237 1.67 -13.93 -7.89
C ILE B 237 2.81 -12.94 -8.13
N GLY B 238 4.01 -13.28 -7.65
CA GLY B 238 5.17 -12.43 -7.83
C GLY B 238 5.68 -12.44 -9.26
N LEU B 239 5.75 -13.62 -9.86
CA LEU B 239 6.22 -13.76 -11.23
C LEU B 239 5.24 -13.14 -12.22
N LEU B 240 3.95 -13.20 -11.91
CA LEU B 240 2.93 -12.62 -12.76
C LEU B 240 3.06 -11.11 -12.85
N ILE B 241 3.02 -10.45 -11.70
CA ILE B 241 3.09 -9.00 -11.63
C ILE B 241 4.42 -8.47 -12.18
N ASP B 242 5.51 -9.15 -11.86
CA ASP B 242 6.84 -8.74 -12.32
C ASP B 242 6.97 -8.89 -13.83
N THR B 243 6.31 -9.89 -14.40
CA THR B 243 6.33 -10.09 -15.84
C THR B 243 5.51 -9.00 -16.52
N PHE B 244 4.36 -8.68 -15.93
CA PHE B 244 3.50 -7.61 -16.42
C PHE B 244 4.22 -6.26 -16.42
N ASP B 245 4.85 -5.93 -15.30
CA ASP B 245 5.58 -4.67 -15.15
C ASP B 245 6.73 -4.55 -16.14
N ARG B 246 7.31 -5.68 -16.52
CA ARG B 246 8.51 -5.70 -17.37
C ARG B 246 8.19 -5.82 -18.86
N LEU B 247 7.12 -6.54 -19.19
CA LEU B 247 6.85 -6.85 -20.59
C LEU B 247 5.41 -6.56 -21.03
N GLY B 248 4.55 -6.25 -20.09
CA GLY B 248 3.16 -5.96 -20.41
C GLY B 248 2.34 -7.20 -20.70
N LEU B 249 1.02 -7.02 -20.80
CA LEU B 249 0.08 -8.11 -21.04
C LEU B 249 0.37 -8.90 -22.32
N ASP B 250 0.99 -8.26 -23.29
CA ASP B 250 1.25 -8.87 -24.60
C ASP B 250 2.18 -10.07 -24.50
N ALA B 251 2.99 -10.12 -23.46
CA ALA B 251 3.94 -11.22 -23.27
C ALA B 251 3.32 -12.35 -22.45
N ILE B 252 2.09 -12.15 -22.00
CA ILE B 252 1.41 -13.13 -21.17
C ILE B 252 0.23 -13.75 -21.91
N ALA B 253 0.10 -15.07 -21.80
CA ALA B 253 -1.05 -15.78 -22.35
C ALA B 253 -1.61 -16.74 -21.31
N GLN B 254 -2.88 -17.11 -21.45
CA GLN B 254 -3.47 -18.10 -20.57
C GLN B 254 -4.23 -19.17 -21.34
N VAL B 255 -4.17 -20.40 -20.85
CA VAL B 255 -4.70 -21.56 -21.57
C VAL B 255 -5.58 -22.43 -20.66
N ASN B 256 -6.75 -22.81 -21.15
CA ASN B 256 -7.66 -23.68 -20.40
C ASN B 256 -7.15 -25.11 -20.32
N LEU B 257 -7.13 -25.66 -19.12
CA LEU B 257 -6.68 -27.03 -18.92
C LEU B 257 -7.82 -27.92 -18.45
N GLY B 258 -9.03 -27.36 -18.44
CA GLY B 258 -10.23 -28.11 -18.08
C GLY B 258 -10.63 -28.03 -16.62
N VAL B 259 -10.51 -29.15 -15.92
CA VAL B 259 -10.88 -29.22 -14.51
C VAL B 259 -9.68 -29.63 -13.67
N ARG B 260 -9.59 -29.10 -12.44
CA ARG B 260 -8.48 -29.43 -11.56
C ARG B 260 -8.98 -30.02 -10.25
N ALA B 261 -8.27 -31.04 -9.77
CA ALA B 261 -8.55 -31.62 -8.47
C ALA B 261 -7.25 -31.77 -7.69
N HIS B 262 -7.30 -31.38 -6.42
CA HIS B 262 -6.12 -31.43 -5.57
C HIS B 262 -6.52 -31.61 -4.11
N ARG B 263 -5.52 -31.87 -3.26
CA ARG B 263 -5.76 -32.01 -1.84
C ARG B 263 -6.22 -30.67 -1.28
N ASN B 264 -7.48 -30.59 -0.86
CA ASN B 264 -7.98 -29.36 -0.26
C ASN B 264 -7.42 -29.23 1.15
N ARG B 265 -6.90 -28.05 1.47
CA ARG B 265 -6.15 -27.85 2.69
C ARG B 265 -6.99 -27.22 3.80
N PRO B 266 -6.59 -27.45 5.06
CA PRO B 266 -7.28 -26.81 6.19
C PRO B 266 -7.14 -25.29 6.16
N LEU B 267 -8.13 -24.59 6.68
CA LEU B 267 -8.21 -23.14 6.60
C LEU B 267 -6.99 -22.42 7.19
N ASP B 268 -6.34 -23.03 8.17
CA ASP B 268 -5.20 -22.41 8.84
C ASP B 268 -3.97 -22.34 7.93
N GLU B 269 -3.80 -23.35 7.08
CA GLU B 269 -2.69 -23.37 6.14
C GLU B 269 -2.92 -22.31 5.05
N LEU B 270 -4.18 -22.14 4.67
CA LEU B 270 -4.54 -21.16 3.66
C LEU B 270 -4.35 -19.74 4.18
N GLY B 271 -4.51 -19.57 5.49
CA GLY B 271 -4.29 -18.28 6.12
C GLY B 271 -2.86 -17.82 5.98
N ALA B 272 -1.92 -18.73 6.24
CA ALA B 272 -0.50 -18.44 6.07
C ALA B 272 -0.17 -18.24 4.60
N MET B 273 -0.77 -19.06 3.75
CA MET B 273 -0.58 -18.95 2.31
C MET B 273 -1.06 -17.59 1.81
N SER B 274 -2.22 -17.17 2.29
CA SER B 274 -2.80 -15.88 1.93
C SER B 274 -1.91 -14.73 2.39
N ARG B 275 -1.36 -14.86 3.58
CA ARG B 275 -0.49 -13.84 4.16
C ARG B 275 0.74 -13.58 3.30
N GLN B 276 1.32 -14.65 2.76
CA GLN B 276 2.51 -14.53 1.92
C GLN B 276 2.16 -13.94 0.55
N VAL B 277 0.98 -14.28 0.06
CA VAL B 277 0.50 -13.73 -1.21
C VAL B 277 0.30 -12.23 -1.08
N ILE B 278 -0.24 -11.81 0.05
CA ILE B 278 -0.44 -10.40 0.34
C ILE B 278 0.91 -9.68 0.47
N ALA B 279 1.83 -10.30 1.20
CA ALA B 279 3.16 -9.73 1.42
C ALA B 279 3.89 -9.48 0.10
N THR B 280 3.84 -10.47 -0.80
CA THR B 280 4.50 -10.37 -2.09
C THR B 280 3.82 -9.34 -2.99
N LEU B 281 2.49 -9.35 -3.00
CA LEU B 281 1.73 -8.46 -3.86
C LEU B 281 1.92 -7.00 -3.46
N LEU B 282 1.95 -6.74 -2.16
CA LEU B 282 2.18 -5.39 -1.64
C LEU B 282 3.55 -4.88 -2.03
N SER B 283 4.56 -5.75 -1.94
CA SER B 283 5.92 -5.42 -2.32
C SER B 283 6.01 -4.96 -3.78
N ARG B 284 5.31 -5.66 -4.66
CA ARG B 284 5.35 -5.36 -6.09
C ARG B 284 4.58 -4.08 -6.44
N CYS B 285 3.85 -3.54 -5.47
CA CYS B 285 3.07 -2.33 -5.69
C CYS B 285 3.63 -1.14 -4.91
N GLY B 286 4.83 -1.31 -4.37
CA GLY B 286 5.50 -0.24 -3.65
C GLY B 286 4.89 0.05 -2.30
N ILE B 287 4.16 -0.93 -1.75
CA ILE B 287 3.52 -0.77 -0.46
C ILE B 287 4.31 -1.50 0.64
N PRO B 288 4.73 -0.77 1.67
CA PRO B 288 5.49 -1.31 2.80
C PRO B 288 4.71 -2.35 3.59
N ASP B 289 5.28 -3.53 3.75
CA ASP B 289 4.65 -4.60 4.53
C ASP B 289 5.26 -4.65 5.92
N SER B 290 4.41 -4.87 6.92
CA SER B 290 4.85 -4.88 8.32
C SER B 290 5.87 -5.98 8.61
N GLY B 291 5.79 -7.08 7.86
CA GLY B 291 6.65 -8.21 8.09
C GLY B 291 6.19 -9.09 9.25
N VAL B 292 5.07 -8.72 9.84
CA VAL B 292 4.51 -9.47 10.95
C VAL B 292 3.67 -10.64 10.46
N GLY B 293 4.00 -11.84 10.91
CA GLY B 293 3.29 -13.03 10.49
C GLY B 293 1.88 -13.09 11.01
N LEU B 294 1.02 -13.83 10.31
CA LEU B 294 -0.36 -14.01 10.73
C LEU B 294 -0.46 -14.86 11.99
N THR B 295 -1.18 -14.35 12.99
CA THR B 295 -1.40 -15.08 14.22
C THR B 295 -2.81 -15.68 14.26
N GLN B 296 -2.92 -16.92 14.69
CA GLN B 296 -4.21 -17.59 14.78
C GLN B 296 -4.47 -18.12 16.18
N PHE B 297 -5.71 -18.00 16.63
CA PHE B 297 -6.11 -18.46 17.96
C PHE B 297 -7.11 -19.60 17.88
N TYR B 307 -8.54 -22.70 21.93
CA TYR B 307 -8.16 -21.33 21.60
C TYR B 307 -6.75 -21.02 22.07
N THR B 308 -5.77 -21.35 21.23
CA THR B 308 -4.36 -21.13 21.57
C THR B 308 -3.65 -20.40 20.43
N ARG B 309 -2.58 -19.68 20.78
CA ARG B 309 -1.91 -18.80 19.82
C ARG B 309 -0.74 -19.46 19.10
N HIS B 310 -0.77 -19.36 17.77
CA HIS B 310 0.36 -19.78 16.95
C HIS B 310 0.60 -18.78 15.83
N THR B 311 1.86 -18.44 15.57
CA THR B 311 2.21 -17.45 14.57
C THR B 311 2.95 -18.09 13.40
N TRP B 312 2.43 -17.88 12.19
CA TRP B 312 3.05 -18.45 10.99
C TRP B 312 4.09 -17.51 10.40
N PRO B 313 5.22 -18.06 9.95
CA PRO B 313 6.31 -17.28 9.36
C PRO B 313 5.91 -16.59 8.05
N VAL B 314 6.39 -15.37 7.87
CA VAL B 314 6.23 -14.66 6.60
C VAL B 314 7.59 -14.08 6.21
N SER B 315 7.86 -14.03 4.91
CA SER B 315 9.17 -13.57 4.44
C SER B 315 9.04 -12.43 3.44
N LEU B 316 9.87 -11.40 3.62
CA LEU B 316 9.88 -10.25 2.73
C LEU B 316 11.10 -10.29 1.82
N VAL B 317 11.81 -11.41 1.84
CA VAL B 317 13.08 -11.53 1.13
C VAL B 317 12.94 -12.33 -0.16
N ASP B 318 13.03 -11.64 -1.29
CA ASP B 318 13.03 -12.30 -2.59
C ASP B 318 14.42 -12.86 -2.89
N ARG B 319 14.48 -13.90 -3.70
CA ARG B 319 15.74 -14.36 -4.25
C ARG B 319 16.04 -13.53 -5.49
N PRO B 320 17.32 -13.19 -5.71
CA PRO B 320 17.68 -12.37 -6.86
C PRO B 320 17.54 -13.16 -8.16
N PRO B 321 17.43 -12.46 -9.30
CA PRO B 321 17.40 -13.10 -10.62
C PRO B 321 18.56 -14.09 -10.77
N MET B 322 18.28 -15.26 -11.33
CA MET B 322 19.26 -16.33 -11.41
C MET B 322 20.51 -15.94 -12.22
N LYS B 323 20.35 -14.95 -13.10
CA LYS B 323 21.46 -14.43 -13.89
C LYS B 323 22.66 -14.01 -13.03
N VAL B 324 22.38 -13.38 -11.89
CA VAL B 324 23.44 -12.87 -11.02
C VAL B 324 24.23 -14.00 -10.35
N MET B 325 23.82 -15.24 -10.62
CA MET B 325 24.51 -16.41 -10.08
C MET B 325 25.31 -17.10 -11.18
N ARG B 326 25.61 -16.37 -12.25
CA ARG B 326 26.37 -16.91 -13.36
C ARG B 326 27.83 -17.13 -12.98
N LEU C 24 24.97 10.23 32.69
CA LEU C 24 26.24 10.21 31.97
C LEU C 24 26.38 11.45 31.09
N PRO C 25 27.63 11.94 30.92
CA PRO C 25 27.91 13.08 30.04
C PRO C 25 27.76 12.71 28.56
N LEU C 26 27.29 11.50 28.31
CA LEU C 26 27.14 10.98 26.96
C LEU C 26 25.68 10.60 26.70
N ASP C 27 25.14 11.09 25.59
CA ASP C 27 23.74 10.81 25.23
C ASP C 27 23.54 9.29 25.07
N THR C 28 22.83 8.69 26.02
CA THR C 28 22.75 7.23 26.10
C THR C 28 21.33 6.69 26.10
N THR C 29 20.99 5.92 25.08
CA THR C 29 19.71 5.23 25.02
C THR C 29 19.85 3.83 25.62
N TRP C 30 19.24 3.62 26.79
CA TRP C 30 19.41 2.37 27.54
C TRP C 30 18.42 1.28 27.13
N HIS C 31 17.20 1.68 26.80
CA HIS C 31 16.15 0.73 26.44
C HIS C 31 15.81 0.86 24.97
N ARG C 32 15.03 -0.09 24.46
CA ARG C 32 14.62 -0.10 23.06
C ARG C 32 14.01 1.24 22.64
N PRO C 33 14.63 1.90 21.66
CA PRO C 33 14.19 3.21 21.15
C PRO C 33 12.72 3.20 20.74
N GLY C 34 12.04 4.33 20.94
CA GLY C 34 10.61 4.41 20.69
C GLY C 34 10.27 4.60 19.23
N TRP C 35 11.19 5.19 18.47
CA TRP C 35 10.96 5.50 17.06
C TRP C 35 10.59 4.26 16.26
N THR C 36 9.73 4.45 15.26
CA THR C 36 9.36 3.39 14.34
C THR C 36 10.01 3.66 12.97
N ILE C 37 10.04 2.65 12.13
CA ILE C 37 10.64 2.76 10.80
C ILE C 37 9.98 3.86 9.96
N GLY C 38 8.68 4.08 10.17
CA GLY C 38 7.98 5.12 9.44
C GLY C 38 8.38 6.55 9.77
N GLU C 39 8.39 6.89 11.06
CA GLU C 39 8.76 8.23 11.50
C GLU C 39 10.21 8.57 11.16
N LEU C 40 11.11 7.61 11.36
CA LEU C 40 12.52 7.80 11.07
C LEU C 40 12.75 8.13 9.60
N GLU C 41 12.02 7.46 8.71
CA GLU C 41 12.15 7.68 7.28
C GLU C 41 11.67 9.09 6.91
N ALA C 42 10.75 9.62 7.70
CA ALA C 42 10.26 10.98 7.52
C ALA C 42 11.34 11.98 7.94
N ALA C 43 11.94 11.74 9.11
CA ALA C 43 12.93 12.64 9.68
C ALA C 43 14.22 12.73 8.86
N LYS C 44 14.34 11.89 7.83
CA LYS C 44 15.51 11.90 6.97
C LYS C 44 15.70 13.26 6.32
N ALA C 45 14.60 13.82 5.83
CA ALA C 45 14.57 15.17 5.26
C ALA C 45 15.58 15.36 4.13
N GLY C 46 15.53 14.47 3.14
CA GLY C 46 16.38 14.58 1.97
C GLY C 46 17.72 13.86 2.12
N ARG C 47 18.12 13.61 3.36
CA ARG C 47 19.36 12.90 3.62
C ARG C 47 19.24 11.44 3.21
N THR C 48 20.32 10.86 2.69
CA THR C 48 20.33 9.46 2.31
C THR C 48 21.10 8.63 3.33
N ILE C 49 20.83 7.32 3.35
CA ILE C 49 21.49 6.43 4.29
C ILE C 49 22.09 5.22 3.58
N SER C 50 23.41 5.06 3.72
CA SER C 50 24.11 3.91 3.17
C SER C 50 24.49 2.94 4.29
N VAL C 51 24.31 1.64 4.03
CA VAL C 51 24.71 0.63 5.00
C VAL C 51 25.83 -0.24 4.44
N VAL C 52 26.90 -0.40 5.22
CA VAL C 52 28.06 -1.16 4.79
C VAL C 52 28.33 -2.34 5.71
N LEU C 53 28.45 -3.52 5.12
CA LEU C 53 28.81 -4.71 5.88
C LEU C 53 30.22 -5.18 5.51
N PRO C 54 31.20 -4.89 6.38
CA PRO C 54 32.55 -5.40 6.16
C PRO C 54 32.61 -6.91 6.39
N ALA C 55 33.22 -7.64 5.47
CA ALA C 55 33.18 -9.09 5.54
C ALA C 55 34.49 -9.73 5.06
N LEU C 56 35.07 -10.55 5.92
CA LEU C 56 36.22 -11.36 5.56
C LEU C 56 36.00 -12.78 6.06
N ASN C 57 35.66 -13.67 5.13
CA ASN C 57 35.35 -15.07 5.44
C ASN C 57 34.26 -15.21 6.50
N GLU C 58 33.04 -14.81 6.15
CA GLU C 58 31.92 -14.84 7.08
C GLU C 58 30.72 -15.57 6.49
N GLU C 59 30.97 -16.65 5.76
CA GLU C 59 29.91 -17.37 5.05
C GLU C 59 28.83 -17.91 5.97
N ALA C 60 29.20 -18.21 7.20
CA ALA C 60 28.28 -18.82 8.16
C ALA C 60 27.23 -17.85 8.69
N THR C 61 27.50 -16.54 8.56
CA THR C 61 26.65 -15.53 9.18
C THR C 61 26.23 -14.41 8.25
N ILE C 62 26.90 -14.30 7.09
CA ILE C 62 26.66 -13.17 6.19
C ILE C 62 25.22 -13.12 5.67
N GLU C 63 24.63 -14.29 5.41
CA GLU C 63 23.27 -14.36 4.89
C GLU C 63 22.25 -13.83 5.89
N SER C 64 22.40 -14.24 7.15
CA SER C 64 21.51 -13.81 8.22
C SER C 64 21.54 -12.30 8.42
N VAL C 65 22.72 -11.70 8.29
CA VAL C 65 22.89 -10.27 8.50
C VAL C 65 22.22 -9.45 7.39
N ILE C 66 22.50 -9.81 6.14
CA ILE C 66 21.91 -9.12 5.00
C ILE C 66 20.38 -9.17 5.00
N ASP C 67 19.84 -10.36 5.28
CA ASP C 67 18.40 -10.57 5.27
C ASP C 67 17.66 -9.69 6.29
N SER C 68 18.34 -9.40 7.40
CA SER C 68 17.74 -8.57 8.45
C SER C 68 17.71 -7.09 8.08
N ILE C 69 18.43 -6.72 7.02
CA ILE C 69 18.57 -5.31 6.66
C ILE C 69 17.90 -4.98 5.32
N SER C 70 17.97 -5.92 4.38
CA SER C 70 17.49 -5.69 3.02
C SER C 70 16.01 -5.27 2.86
N PRO C 71 15.11 -5.67 3.79
CA PRO C 71 13.76 -5.12 3.65
C PRO C 71 13.69 -3.59 3.82
N LEU C 72 14.74 -2.98 4.34
CA LEU C 72 14.76 -1.53 4.54
C LEU C 72 15.24 -0.80 3.29
N VAL C 73 15.77 -1.56 2.32
CA VAL C 73 16.26 -0.98 1.08
C VAL C 73 15.10 -0.36 0.29
N ASP C 74 15.38 0.78 -0.35
CA ASP C 74 14.41 1.59 -1.10
C ASP C 74 13.47 2.34 -0.16
N GLY C 75 13.56 2.05 1.13
CA GLY C 75 12.82 2.76 2.15
C GLY C 75 13.73 3.62 2.99
N LEU C 76 13.88 3.25 4.26
CA LEU C 76 14.77 3.96 5.17
C LEU C 76 16.22 3.90 4.69
N VAL C 77 16.62 2.74 4.17
CA VAL C 77 17.96 2.56 3.63
C VAL C 77 17.98 2.75 2.12
N ASP C 78 18.80 3.68 1.64
CA ASP C 78 18.88 3.95 0.22
C ASP C 78 19.90 3.06 -0.48
N GLU C 79 20.86 2.56 0.27
CA GLU C 79 21.97 1.82 -0.30
C GLU C 79 22.52 0.77 0.66
N LEU C 80 22.70 -0.46 0.16
CA LEU C 80 23.28 -1.53 0.96
C LEU C 80 24.33 -2.30 0.18
N ILE C 81 25.57 -2.23 0.65
CA ILE C 81 26.67 -2.94 0.01
C ILE C 81 27.42 -3.85 0.99
N VAL C 82 28.00 -4.92 0.47
CA VAL C 82 28.90 -5.76 1.24
C VAL C 82 30.34 -5.50 0.79
N LEU C 83 31.20 -5.14 1.73
CA LEU C 83 32.59 -4.88 1.42
C LEU C 83 33.42 -6.15 1.62
N ASP C 84 33.66 -6.85 0.52
CA ASP C 84 34.42 -8.10 0.57
C ASP C 84 35.91 -7.82 0.73
N SER C 85 36.45 -8.21 1.87
CA SER C 85 37.86 -7.94 2.17
C SER C 85 38.78 -9.07 1.73
N GLY C 86 38.47 -9.69 0.60
CA GLY C 86 39.31 -10.73 0.05
C GLY C 86 39.00 -12.11 0.60
N SER C 87 37.71 -12.40 0.77
CA SER C 87 37.28 -13.69 1.30
C SER C 87 37.66 -14.84 0.38
N THR C 88 38.03 -15.98 0.96
CA THR C 88 38.39 -17.16 0.18
C THR C 88 37.32 -18.24 0.30
N ASP C 89 36.36 -18.05 1.19
CA ASP C 89 35.24 -18.97 1.31
C ASP C 89 34.05 -18.53 0.47
N ASP C 90 32.87 -19.04 0.79
CA ASP C 90 31.67 -18.77 0.00
C ASP C 90 30.92 -17.52 0.45
N THR C 91 31.65 -16.57 1.05
CA THR C 91 31.03 -15.35 1.56
C THR C 91 30.38 -14.53 0.46
N GLU C 92 31.10 -14.36 -0.65
CA GLU C 92 30.62 -13.53 -1.75
C GLU C 92 29.38 -14.11 -2.44
N ILE C 93 29.45 -15.40 -2.77
CA ILE C 93 28.36 -16.04 -3.52
C ILE C 93 27.08 -16.12 -2.69
N ARG C 94 27.22 -16.30 -1.38
CA ARG C 94 26.06 -16.33 -0.49
C ARG C 94 25.48 -14.93 -0.31
N ALA C 95 26.35 -13.93 -0.29
CA ALA C 95 25.93 -12.54 -0.18
C ALA C 95 25.16 -12.10 -1.42
N ILE C 96 25.67 -12.48 -2.58
CA ILE C 96 24.99 -12.22 -3.85
C ILE C 96 23.63 -12.91 -3.87
N ALA C 97 23.60 -14.14 -3.38
CA ALA C 97 22.36 -14.93 -3.33
C ALA C 97 21.33 -14.31 -2.39
N SER C 98 21.77 -13.35 -1.57
CA SER C 98 20.86 -12.64 -0.68
C SER C 98 20.46 -11.29 -1.27
N GLY C 99 20.85 -11.06 -2.52
CA GLY C 99 20.45 -9.88 -3.24
C GLY C 99 21.27 -8.64 -2.93
N ALA C 100 22.37 -8.83 -2.21
CA ALA C 100 23.22 -7.72 -1.82
C ALA C 100 24.29 -7.43 -2.87
N ARG C 101 24.60 -6.15 -3.05
CA ARG C 101 25.68 -5.75 -3.94
C ARG C 101 27.03 -5.93 -3.24
N VAL C 102 27.90 -6.72 -3.84
CA VAL C 102 29.20 -7.03 -3.24
C VAL C 102 30.32 -6.23 -3.88
N VAL C 103 30.98 -5.40 -3.09
CA VAL C 103 32.08 -4.58 -3.57
C VAL C 103 33.40 -5.01 -2.94
N SER C 104 34.36 -5.37 -3.80
CA SER C 104 35.70 -5.72 -3.32
C SER C 104 36.48 -4.45 -3.00
N ARG C 105 37.58 -4.62 -2.26
CA ARG C 105 38.45 -3.50 -1.92
C ARG C 105 39.01 -2.83 -3.17
N GLU C 106 39.33 -3.65 -4.17
CA GLU C 106 39.81 -3.16 -5.46
C GLU C 106 38.73 -2.33 -6.18
N GLN C 107 37.51 -2.83 -6.20
CA GLN C 107 36.42 -2.15 -6.90
C GLN C 107 36.00 -0.85 -6.22
N ALA C 108 36.17 -0.80 -4.90
CA ALA C 108 35.75 0.37 -4.13
C ALA C 108 36.64 1.58 -4.43
N LEU C 109 37.91 1.32 -4.68
CA LEU C 109 38.88 2.39 -4.97
C LEU C 109 40.07 1.83 -5.76
N PRO C 110 39.87 1.68 -7.08
CA PRO C 110 40.85 1.01 -7.96
C PRO C 110 42.18 1.73 -8.12
N GLU C 111 42.21 3.05 -7.93
CA GLU C 111 43.45 3.81 -8.12
C GLU C 111 44.51 3.47 -7.08
N VAL C 112 44.06 2.99 -5.92
CA VAL C 112 44.96 2.74 -4.80
C VAL C 112 45.13 1.26 -4.49
N PRO C 113 46.39 0.78 -4.44
CA PRO C 113 46.72 -0.59 -4.05
C PRO C 113 46.12 -0.95 -2.70
N VAL C 114 45.84 -2.24 -2.49
CA VAL C 114 45.12 -2.67 -1.30
C VAL C 114 46.04 -3.07 -0.16
N ARG C 115 45.77 -2.53 1.02
CA ARG C 115 46.46 -2.93 2.24
C ARG C 115 45.60 -3.91 3.03
N PRO C 116 46.22 -4.81 3.80
CA PRO C 116 45.44 -5.73 4.64
C PRO C 116 44.83 -5.02 5.85
N GLY C 117 43.80 -5.60 6.42
CA GLY C 117 43.19 -5.07 7.64
C GLY C 117 41.75 -4.64 7.47
N LYS C 118 41.03 -4.62 8.59
CA LYS C 118 39.62 -4.21 8.61
C LYS C 118 39.47 -2.73 8.28
N GLY C 119 40.25 -1.90 8.94
CA GLY C 119 40.23 -0.45 8.74
C GLY C 119 40.35 -0.02 7.29
N GLU C 120 41.17 -0.73 6.52
CA GLU C 120 41.33 -0.47 5.10
C GLU C 120 40.00 -0.60 4.37
N ALA C 121 39.28 -1.69 4.66
CA ALA C 121 38.00 -1.97 4.02
C ALA C 121 36.96 -0.90 4.37
N LEU C 122 36.87 -0.55 5.65
CA LEU C 122 35.93 0.45 6.12
C LEU C 122 36.21 1.81 5.48
N TRP C 123 37.49 2.12 5.31
CA TRP C 123 37.90 3.37 4.65
C TRP C 123 37.45 3.37 3.20
N ARG C 124 37.78 2.30 2.47
CA ARG C 124 37.42 2.18 1.06
C ARG C 124 35.91 2.19 0.82
N SER C 125 35.15 1.78 1.83
CA SER C 125 33.70 1.69 1.70
C SER C 125 33.09 3.08 1.53
N LEU C 126 33.78 4.10 2.03
CA LEU C 126 33.34 5.48 1.88
C LEU C 126 33.36 5.91 0.41
N ALA C 127 34.26 5.32 -0.36
CA ALA C 127 34.37 5.64 -1.78
C ALA C 127 33.37 4.84 -2.62
N ALA C 128 32.74 3.84 -2.00
CA ALA C 128 31.80 2.98 -2.71
C ALA C 128 30.35 3.32 -2.37
N THR C 129 30.17 4.31 -1.49
CA THR C 129 28.84 4.74 -1.09
C THR C 129 28.66 6.24 -1.30
N SER C 130 27.41 6.70 -1.29
CA SER C 130 27.12 8.11 -1.54
C SER C 130 26.12 8.68 -0.53
N GLY C 131 25.82 7.91 0.51
CA GLY C 131 24.87 8.33 1.52
C GLY C 131 25.40 9.44 2.42
N ASP C 132 24.49 10.31 2.87
CA ASP C 132 24.85 11.35 3.84
C ASP C 132 25.13 10.73 5.20
N ILE C 133 24.47 9.60 5.46
CA ILE C 133 24.71 8.85 6.69
C ILE C 133 25.17 7.43 6.37
N VAL C 134 26.27 7.02 7.00
CA VAL C 134 26.82 5.69 6.75
C VAL C 134 26.71 4.82 8.00
N VAL C 135 26.11 3.64 7.84
CA VAL C 135 25.95 2.71 8.95
C VAL C 135 26.86 1.50 8.76
N PHE C 136 27.59 1.14 9.82
CA PHE C 136 28.47 -0.03 9.78
C PHE C 136 27.95 -1.15 10.68
N ILE C 137 27.83 -2.33 10.10
CA ILE C 137 27.39 -3.52 10.83
C ILE C 137 28.34 -4.69 10.55
N ASP C 138 28.87 -5.30 11.59
CA ASP C 138 29.74 -6.45 11.43
C ASP C 138 28.94 -7.64 10.89
N SER C 139 29.57 -8.40 10.00
CA SER C 139 28.88 -9.49 9.33
C SER C 139 29.13 -10.83 10.00
N ASP C 140 29.71 -10.81 11.19
CA ASP C 140 29.93 -12.02 11.97
C ASP C 140 28.90 -12.13 13.09
N LEU C 141 27.88 -11.29 13.03
CA LEU C 141 26.79 -11.33 14.00
C LEU C 141 25.93 -12.59 13.80
N ILE C 142 25.61 -13.25 14.91
CA ILE C 142 24.72 -14.40 14.86
C ILE C 142 23.28 -13.97 15.11
N ASN C 143 22.47 -14.03 14.07
CA ASN C 143 21.08 -13.54 14.11
C ASN C 143 20.96 -12.14 14.68
N PRO C 144 21.27 -11.13 13.85
CA PRO C 144 21.11 -9.74 14.29
C PRO C 144 19.66 -9.29 14.21
N HIS C 145 19.24 -8.44 15.12
CA HIS C 145 17.88 -7.93 15.12
C HIS C 145 17.68 -7.01 13.93
N PRO C 146 16.53 -7.14 13.23
CA PRO C 146 16.25 -6.35 12.03
C PRO C 146 16.04 -4.86 12.33
N LEU C 147 16.11 -4.48 13.60
CA LEU C 147 15.95 -3.09 13.99
C LEU C 147 17.28 -2.45 14.38
N PHE C 148 18.37 -3.14 14.11
CA PHE C 148 19.71 -2.63 14.40
C PHE C 148 19.97 -1.28 13.70
N VAL C 149 19.78 -1.26 12.39
CA VAL C 149 20.00 -0.04 11.61
C VAL C 149 19.04 1.10 12.03
N PRO C 150 17.74 0.82 12.21
CA PRO C 150 16.89 1.89 12.73
C PRO C 150 17.32 2.41 14.10
N TRP C 151 17.71 1.51 15.00
CA TRP C 151 18.14 1.90 16.34
C TRP C 151 19.41 2.76 16.32
N LEU C 152 20.20 2.64 15.26
CA LEU C 152 21.47 3.35 15.16
C LEU C 152 21.31 4.75 14.57
N VAL C 153 20.47 4.88 13.55
CA VAL C 153 20.27 6.16 12.88
C VAL C 153 19.29 7.05 13.66
N GLY C 154 18.78 6.53 14.77
CA GLY C 154 17.89 7.26 15.64
C GLY C 154 18.39 8.64 16.03
N PRO C 155 19.44 8.70 16.87
CA PRO C 155 20.02 9.96 17.34
C PRO C 155 20.52 10.87 16.22
N LEU C 156 20.80 10.32 15.05
CA LEU C 156 21.29 11.12 13.93
C LEU C 156 20.14 11.82 13.18
N LEU C 157 18.99 11.17 13.13
CA LEU C 157 17.87 11.69 12.35
C LEU C 157 16.96 12.61 13.16
N THR C 158 16.78 12.29 14.44
CA THR C 158 15.88 13.06 15.29
C THR C 158 16.61 14.21 15.98
N GLY C 159 17.53 13.86 16.87
CA GLY C 159 18.32 14.85 17.58
C GLY C 159 19.23 15.69 16.69
N GLU C 160 19.89 16.66 17.30
CA GLU C 160 20.84 17.50 16.58
C GLU C 160 22.17 17.59 17.34
N GLY C 161 23.25 17.77 16.59
CA GLY C 161 24.57 17.82 17.19
C GLY C 161 25.29 16.48 17.12
N ILE C 162 24.49 15.41 17.04
CA ILE C 162 25.04 14.06 16.98
C ILE C 162 25.57 13.75 15.58
N GLN C 163 26.81 13.28 15.51
CA GLN C 163 27.41 12.89 14.24
C GLN C 163 27.99 11.48 14.32
N LEU C 164 27.97 10.89 15.51
CA LEU C 164 28.46 9.53 15.71
C LEU C 164 27.62 8.77 16.72
N VAL C 165 27.13 7.61 16.32
CA VAL C 165 26.34 6.76 17.23
C VAL C 165 26.96 5.37 17.38
N LYS C 166 27.43 5.07 18.59
CA LYS C 166 27.99 3.77 18.89
C LYS C 166 26.93 2.87 19.51
N SER C 167 27.15 1.56 19.47
CA SER C 167 26.23 0.64 20.11
C SER C 167 26.85 -0.03 21.33
N PHE C 168 26.00 -0.51 22.24
CA PHE C 168 26.45 -1.38 23.31
C PHE C 168 25.40 -2.47 23.55
N TYR C 169 25.82 -3.57 24.17
CA TYR C 169 24.94 -4.72 24.29
C TYR C 169 25.28 -5.59 25.50
N ARG C 170 24.65 -6.76 25.56
CA ARG C 170 24.73 -7.67 26.70
C ARG C 170 24.61 -6.95 28.04
C GLY C 186 33.82 -12.82 27.87
N GLY C 187 33.09 -12.13 26.99
CA GLY C 187 32.33 -10.96 27.37
C GLY C 187 33.00 -9.67 26.90
N GLY C 188 33.70 -9.75 25.78
CA GLY C 188 34.45 -8.62 25.28
C GLY C 188 35.75 -8.49 26.04
N ARG C 189 36.61 -9.50 25.90
CA ARG C 189 37.86 -9.57 26.65
C ARG C 189 38.83 -8.44 26.29
N VAL C 190 38.98 -8.16 25.00
CA VAL C 190 39.85 -7.07 24.58
C VAL C 190 39.22 -5.73 24.97
N THR C 191 37.89 -5.65 24.90
CA THR C 191 37.18 -4.44 25.30
C THR C 191 37.35 -4.15 26.78
N GLU C 192 37.10 -5.14 27.63
CA GLU C 192 37.05 -4.93 29.07
C GLU C 192 38.42 -4.93 29.75
N LEU C 193 39.42 -5.54 29.12
CA LEU C 193 40.74 -5.64 29.72
C LEU C 193 41.75 -4.69 29.09
N VAL C 194 41.51 -4.29 27.85
CA VAL C 194 42.46 -3.44 27.13
C VAL C 194 41.88 -2.07 26.81
N ALA C 195 40.85 -2.04 25.98
CA ALA C 195 40.31 -0.78 25.46
C ALA C 195 39.82 0.16 26.55
N ARG C 196 38.86 -0.29 27.35
CA ARG C 196 38.27 0.55 28.38
C ARG C 196 39.23 0.92 29.52
N PRO C 197 40.09 -0.03 29.96
CA PRO C 197 41.06 0.42 30.96
C PRO C 197 42.10 1.40 30.41
N LEU C 198 42.50 1.24 29.16
CA LEU C 198 43.45 2.15 28.53
C LEU C 198 42.83 3.53 28.32
N LEU C 199 41.55 3.54 27.93
CA LEU C 199 40.84 4.80 27.78
C LEU C 199 40.75 5.50 29.12
N ALA C 200 40.48 4.74 30.18
CA ALA C 200 40.42 5.28 31.53
C ALA C 200 41.74 5.94 31.92
N ALA C 201 42.84 5.37 31.41
CA ALA C 201 44.17 5.85 31.74
C ALA C 201 44.57 7.10 30.94
N LEU C 202 44.20 7.14 29.66
CA LEU C 202 44.70 8.20 28.78
C LEU C 202 43.62 9.15 28.28
N ARG C 203 42.36 8.74 28.36
CA ARG C 203 41.24 9.58 27.92
C ARG C 203 40.02 9.35 28.80
N PRO C 204 40.11 9.67 30.09
CA PRO C 204 39.08 9.30 31.07
C PRO C 204 37.69 9.86 30.75
N GLU C 205 37.61 10.87 29.90
CA GLU C 205 36.33 11.45 29.50
C GLU C 205 35.53 10.45 28.67
N LEU C 206 36.21 9.50 28.05
CA LEU C 206 35.55 8.48 27.24
C LEU C 206 35.33 7.20 28.05
N GLY C 207 35.51 7.29 29.36
CA GLY C 207 35.32 6.16 30.25
C GLY C 207 33.87 5.74 30.38
N CYS C 208 32.95 6.59 29.92
N CYS C 208 32.95 6.61 29.93
CA CYS C 208 31.53 6.32 30.02
CA CYS C 208 31.53 6.35 30.01
C CYS C 208 31.01 5.53 28.82
C CYS C 208 31.07 5.44 28.88
N VAL C 209 31.87 5.37 27.81
CA VAL C 209 31.53 4.57 26.65
C VAL C 209 31.61 3.09 27.01
N LEU C 210 30.53 2.35 26.76
CA LEU C 210 30.44 0.97 27.21
C LEU C 210 31.11 -0.01 26.25
N GLN C 211 30.98 0.23 24.95
CA GLN C 211 31.62 -0.62 23.95
C GLN C 211 32.34 0.22 22.89
N PRO C 212 33.55 0.67 23.21
CA PRO C 212 34.35 1.51 22.30
C PRO C 212 34.81 0.76 21.05
N LEU C 213 34.91 -0.56 21.15
CA LEU C 213 35.38 -1.39 20.04
C LEU C 213 34.22 -1.99 19.25
N SER C 214 33.02 -1.45 19.46
CA SER C 214 31.82 -1.97 18.80
C SER C 214 31.89 -1.83 17.28
N GLY C 215 31.59 -2.93 16.59
CA GLY C 215 31.58 -2.93 15.14
C GLY C 215 30.28 -2.43 14.56
N GLU C 216 29.30 -2.18 15.43
CA GLU C 216 28.01 -1.68 15.00
C GLU C 216 27.86 -0.21 15.36
N TYR C 217 27.93 0.66 14.36
CA TYR C 217 27.80 2.09 14.59
C TYR C 217 27.41 2.84 13.31
N ALA C 218 26.94 4.06 13.49
CA ALA C 218 26.54 4.91 12.37
C ALA C 218 27.11 6.32 12.52
N ALA C 219 27.37 6.98 11.41
CA ALA C 219 27.97 8.31 11.44
C ALA C 219 27.73 9.06 10.14
N SER C 220 27.80 10.39 10.21
CA SER C 220 27.62 11.24 9.03
C SER C 220 28.85 11.17 8.12
N ARG C 221 28.62 11.30 6.82
CA ARG C 221 29.69 11.29 5.84
C ARG C 221 30.68 12.44 6.08
N GLU C 222 30.16 13.56 6.57
CA GLU C 222 30.97 14.72 6.89
C GLU C 222 32.07 14.38 7.90
N LEU C 223 31.66 13.68 8.97
CA LEU C 223 32.60 13.28 10.00
C LEU C 223 33.59 12.22 9.51
N LEU C 224 33.08 11.21 8.81
CA LEU C 224 33.89 10.07 8.39
C LEU C 224 34.95 10.43 7.36
N THR C 225 34.59 11.28 6.41
CA THR C 225 35.52 11.67 5.35
C THR C 225 36.50 12.73 5.84
N SER C 226 36.29 13.20 7.07
CA SER C 226 37.17 14.21 7.66
C SER C 226 38.18 13.58 8.62
N LEU C 227 37.97 12.30 8.94
CA LEU C 227 38.82 11.60 9.90
C LEU C 227 39.76 10.63 9.21
N PRO C 228 40.96 10.45 9.79
CA PRO C 228 41.86 9.39 9.33
C PRO C 228 41.35 8.03 9.78
N PHE C 229 41.74 6.97 9.08
CA PHE C 229 41.27 5.62 9.42
C PHE C 229 42.43 4.74 9.88
N ALA C 230 42.37 4.33 11.15
CA ALA C 230 43.39 3.45 11.72
C ALA C 230 43.39 2.09 11.03
N PRO C 231 44.58 1.50 10.86
CA PRO C 231 44.71 0.21 10.18
C PRO C 231 44.26 -0.97 11.04
N GLY C 232 43.91 -2.07 10.38
CA GLY C 232 43.51 -3.28 11.07
C GLY C 232 42.32 -3.12 12.01
N TYR C 233 42.44 -3.68 13.20
CA TYR C 233 41.39 -3.64 14.20
C TYR C 233 41.43 -2.36 15.03
N GLY C 234 42.26 -1.41 14.61
CA GLY C 234 42.39 -0.13 15.29
C GLY C 234 41.31 0.86 14.89
N VAL C 235 40.62 0.58 13.78
CA VAL C 235 39.67 1.52 13.19
C VAL C 235 38.57 1.99 14.15
N GLU C 236 38.04 1.07 14.97
CA GLU C 236 36.95 1.42 15.89
C GLU C 236 37.41 2.39 16.96
N ILE C 237 38.45 2.02 17.70
CA ILE C 237 38.95 2.85 18.79
C ILE C 237 39.52 4.16 18.25
N GLY C 238 39.98 4.14 17.00
CA GLY C 238 40.54 5.31 16.37
C GLY C 238 39.50 6.35 16.01
N LEU C 239 38.37 5.90 15.46
CA LEU C 239 37.30 6.80 15.06
C LEU C 239 36.64 7.45 16.27
N LEU C 240 36.56 6.71 17.37
CA LEU C 240 35.98 7.22 18.60
C LEU C 240 36.80 8.38 19.17
N ILE C 241 38.08 8.12 19.41
CA ILE C 241 38.98 9.12 19.99
C ILE C 241 39.12 10.35 19.09
N ASP C 242 39.25 10.13 17.78
CA ASP C 242 39.40 11.23 16.84
C ASP C 242 38.14 12.09 16.76
N THR C 243 36.98 11.47 16.92
CA THR C 243 35.72 12.19 16.93
C THR C 243 35.59 13.00 18.21
N PHE C 244 35.98 12.39 19.32
CA PHE C 244 35.98 13.05 20.62
C PHE C 244 36.87 14.29 20.62
N ASP C 245 38.11 14.12 20.15
CA ASP C 245 39.08 15.21 20.08
C ASP C 245 38.59 16.36 19.20
N ARG C 246 37.81 16.03 18.18
CA ARG C 246 37.39 16.99 17.18
C ARG C 246 36.05 17.66 17.49
N LEU C 247 35.14 16.91 18.11
CA LEU C 247 33.77 17.40 18.28
C LEU C 247 33.25 17.28 19.71
N GLY C 248 33.98 16.59 20.57
CA GLY C 248 33.56 16.42 21.95
C GLY C 248 32.46 15.38 22.13
N LEU C 249 32.18 15.05 23.40
CA LEU C 249 31.18 14.05 23.75
C LEU C 249 29.79 14.35 23.20
N ASP C 250 29.49 15.63 23.00
CA ASP C 250 28.16 16.06 22.55
C ASP C 250 27.80 15.54 21.17
N ALA C 251 28.82 15.22 20.36
CA ALA C 251 28.58 14.73 19.01
C ALA C 251 28.48 13.21 18.99
N ILE C 252 28.67 12.59 20.15
CA ILE C 252 28.64 11.14 20.25
C ILE C 252 27.42 10.68 21.06
N ALA C 253 26.75 9.64 20.57
CA ALA C 253 25.67 9.01 21.30
C ALA C 253 25.85 7.50 21.28
N GLN C 254 25.26 6.80 22.25
CA GLN C 254 25.30 5.34 22.23
C GLN C 254 23.92 4.74 22.50
N VAL C 255 23.65 3.62 21.85
CA VAL C 255 22.33 3.01 21.87
C VAL C 255 22.42 1.50 22.16
N ASN C 256 21.60 1.03 23.08
CA ASN C 256 21.56 -0.38 23.42
C ASN C 256 20.89 -1.20 22.31
N LEU C 257 21.53 -2.30 21.94
CA LEU C 257 21.01 -3.17 20.89
C LEU C 257 20.56 -4.50 21.47
N GLY C 258 20.56 -4.60 22.79
CA GLY C 258 20.11 -5.80 23.48
C GLY C 258 21.25 -6.75 23.75
N VAL C 259 21.23 -7.89 23.07
CA VAL C 259 22.27 -8.89 23.23
C VAL C 259 22.96 -9.13 21.88
N ARG C 260 24.28 -9.37 21.93
CA ARG C 260 25.05 -9.64 20.72
C ARG C 260 25.80 -10.97 20.83
N ALA C 261 25.81 -11.71 19.74
CA ALA C 261 26.57 -12.96 19.68
C ALA C 261 27.38 -13.04 18.39
N HIS C 262 28.63 -13.46 18.51
CA HIS C 262 29.49 -13.57 17.34
C HIS C 262 30.57 -14.65 17.54
N ARG C 263 31.29 -14.94 16.47
CA ARG C 263 32.35 -15.95 16.50
C ARG C 263 33.50 -15.58 17.44
N ASN C 264 33.65 -16.35 18.51
CA ASN C 264 34.75 -16.15 19.47
C ASN C 264 36.08 -16.63 18.92
N ARG C 265 37.11 -15.80 19.08
CA ARG C 265 38.41 -16.07 18.48
C ARG C 265 39.37 -16.67 19.50
N PRO C 266 40.38 -17.42 19.03
CA PRO C 266 41.39 -17.97 19.93
C PRO C 266 42.24 -16.89 20.59
N LEU C 267 42.75 -17.18 21.78
CA LEU C 267 43.46 -16.18 22.59
C LEU C 267 44.66 -15.55 21.87
N ASP C 268 45.30 -16.30 20.99
CA ASP C 268 46.47 -15.80 20.29
C ASP C 268 46.11 -14.72 19.28
N GLU C 269 44.94 -14.86 18.65
CA GLU C 269 44.47 -13.86 17.69
C GLU C 269 44.05 -12.59 18.43
N LEU C 270 43.50 -12.76 19.63
CA LEU C 270 43.07 -11.62 20.44
C LEU C 270 44.27 -10.82 20.92
N GLY C 271 45.40 -11.50 21.10
CA GLY C 271 46.64 -10.84 21.47
C GLY C 271 47.09 -9.88 20.39
N ALA C 272 47.05 -10.33 19.15
CA ALA C 272 47.41 -9.49 18.01
C ALA C 272 46.41 -8.35 17.83
N MET C 273 45.13 -8.66 18.02
CA MET C 273 44.08 -7.65 17.93
C MET C 273 44.29 -6.57 19.00
N SER C 274 44.62 -7.01 20.22
CA SER C 274 44.87 -6.09 21.32
C SER C 274 46.07 -5.20 21.04
N ARG C 275 47.12 -5.78 20.45
CA ARG C 275 48.33 -5.04 20.13
C ARG C 275 48.03 -3.89 19.16
N GLN C 276 47.15 -4.15 18.20
CA GLN C 276 46.78 -3.14 17.22
C GLN C 276 45.90 -2.06 17.85
N VAL C 277 45.04 -2.47 18.78
CA VAL C 277 44.20 -1.54 19.51
C VAL C 277 45.06 -0.62 20.37
N ILE C 278 46.08 -1.21 20.99
CA ILE C 278 47.02 -0.44 21.81
C ILE C 278 47.83 0.53 20.94
N ALA C 279 48.31 0.03 19.80
CA ALA C 279 49.09 0.84 18.87
C ALA C 279 48.34 2.07 18.40
N THR C 280 47.08 1.88 18.04
CA THR C 280 46.23 2.98 17.57
C THR C 280 45.94 3.96 18.70
N LEU C 281 45.61 3.43 19.87
CA LEU C 281 45.24 4.26 21.01
C LEU C 281 46.41 5.12 21.48
N LEU C 282 47.61 4.53 21.50
CA LEU C 282 48.81 5.27 21.86
C LEU C 282 49.10 6.38 20.86
N SER C 283 48.95 6.07 19.58
CA SER C 283 49.15 7.05 18.51
C SER C 283 48.25 8.27 18.68
N ARG C 284 46.98 8.04 19.01
CA ARG C 284 46.01 9.11 19.18
C ARG C 284 46.25 9.94 20.44
N CYS C 285 47.17 9.47 21.30
CA CYS C 285 47.45 10.16 22.55
C CYS C 285 48.85 10.77 22.55
N GLY C 286 49.47 10.82 21.39
CA GLY C 286 50.78 11.43 21.24
C GLY C 286 51.91 10.61 21.85
N ILE C 287 51.66 9.31 22.02
CA ILE C 287 52.66 8.42 22.59
C ILE C 287 53.33 7.58 21.50
N PRO C 288 54.66 7.67 21.40
CA PRO C 288 55.43 6.91 20.41
C PRO C 288 55.31 5.41 20.61
N ASP C 289 54.90 4.69 19.56
CA ASP C 289 54.77 3.25 19.63
C ASP C 289 55.99 2.61 18.97
N SER C 290 56.50 1.53 19.56
CA SER C 290 57.70 0.87 19.08
C SER C 290 57.54 0.35 17.65
N GLY C 291 56.33 0.00 17.28
CA GLY C 291 56.06 -0.56 15.97
C GLY C 291 56.40 -2.04 15.92
N VAL C 292 56.86 -2.56 17.05
CA VAL C 292 57.23 -3.97 17.15
C VAL C 292 56.00 -4.83 17.41
N GLY C 293 55.77 -5.80 16.55
CA GLY C 293 54.63 -6.70 16.68
C GLY C 293 54.75 -7.61 17.89
N LEU C 294 53.61 -8.05 18.40
CA LEU C 294 53.59 -8.98 19.51
C LEU C 294 54.13 -10.34 19.12
N THR C 295 55.08 -10.86 19.90
CA THR C 295 55.61 -12.19 19.65
C THR C 295 54.99 -13.16 20.63
N GLN C 296 54.57 -14.32 20.14
CA GLN C 296 53.94 -15.33 20.98
C GLN C 296 54.63 -16.68 20.88
N PHE C 297 54.68 -17.38 22.01
CA PHE C 297 55.29 -18.70 22.07
C PHE C 297 54.23 -19.76 22.36
N LEU C 298 53.68 -20.33 21.31
CA LEU C 298 52.61 -21.32 21.44
C LEU C 298 53.10 -22.71 21.05
N TYR C 307 56.06 -25.22 21.75
CA TYR C 307 56.64 -23.93 22.11
C TYR C 307 57.44 -23.33 20.95
N THR C 308 56.75 -22.62 20.07
CA THR C 308 57.40 -22.03 18.90
C THR C 308 57.06 -20.55 18.77
N ARG C 309 57.96 -19.79 18.14
CA ARG C 309 57.83 -18.35 18.06
C ARG C 309 57.14 -17.87 16.79
N HIS C 310 56.13 -17.02 16.95
CA HIS C 310 55.49 -16.35 15.82
C HIS C 310 55.22 -14.89 16.16
N THR C 311 55.48 -14.01 15.19
CA THR C 311 55.32 -12.58 15.41
C THR C 311 54.18 -12.04 14.55
N TRP C 312 53.21 -11.40 15.18
CA TRP C 312 52.05 -10.86 14.49
C TRP C 312 52.29 -9.42 14.03
N PRO C 313 51.84 -9.10 12.81
CA PRO C 313 52.01 -7.76 12.23
C PRO C 313 51.24 -6.68 13.00
N VAL C 314 51.85 -5.51 13.13
CA VAL C 314 51.19 -4.34 13.69
C VAL C 314 51.45 -3.14 12.78
N SER C 315 50.48 -2.24 12.66
CA SER C 315 50.62 -1.12 11.74
C SER C 315 50.38 0.22 12.43
N LEU C 316 51.27 1.17 12.16
CA LEU C 316 51.17 2.51 12.71
C LEU C 316 50.72 3.51 11.65
N VAL C 317 50.30 2.99 10.51
CA VAL C 317 50.00 3.83 9.35
C VAL C 317 48.50 4.03 9.15
N ASP C 318 48.04 5.25 9.43
CA ASP C 318 46.65 5.62 9.19
C ASP C 318 46.41 5.95 7.72
N ARG C 319 45.18 5.76 7.26
CA ARG C 319 44.77 6.27 5.97
C ARG C 319 44.30 7.71 6.14
N PRO C 320 44.61 8.57 5.15
CA PRO C 320 44.20 9.97 5.24
C PRO C 320 42.70 10.14 5.08
N PRO C 321 42.14 11.26 5.55
CA PRO C 321 40.72 11.58 5.36
C PRO C 321 40.30 11.41 3.90
N MET C 322 39.12 10.83 3.68
CA MET C 322 38.66 10.52 2.33
C MET C 322 38.52 11.78 1.46
N LYS C 323 38.40 12.93 2.12
CA LYS C 323 38.34 14.22 1.45
C LYS C 323 39.48 14.44 0.45
N VAL C 324 40.69 14.02 0.83
CA VAL C 324 41.88 14.23 0.01
C VAL C 324 41.87 13.41 -1.28
N MET C 325 40.86 12.58 -1.47
CA MET C 325 40.74 11.78 -2.69
C MET C 325 39.66 12.33 -3.61
N ARG C 326 39.30 13.60 -3.41
CA ARG C 326 38.28 14.25 -4.23
C ARG C 326 38.80 14.49 -5.65
N LEU D 24 -1.35 21.09 -32.90
CA LEU D 24 -1.93 22.37 -32.49
C LEU D 24 -0.89 23.23 -31.76
N PRO D 25 -0.98 24.57 -31.93
CA PRO D 25 -0.10 25.49 -31.23
C PRO D 25 -0.42 25.57 -29.73
N LEU D 26 -1.32 24.69 -29.29
CA LEU D 26 -1.78 24.64 -27.91
C LEU D 26 -1.51 23.24 -27.37
N ASP D 27 -0.90 23.17 -26.19
CA ASP D 27 -0.57 21.89 -25.56
C ASP D 27 -1.85 21.07 -25.37
N THR D 28 -1.99 20.02 -26.16
CA THR D 28 -3.25 19.28 -26.23
C THR D 28 -3.07 17.78 -25.98
N THR D 29 -3.69 17.30 -24.90
CA THR D 29 -3.70 15.87 -24.59
C THR D 29 -4.95 15.20 -25.17
N TRP D 30 -4.76 14.38 -26.19
CA TRP D 30 -5.89 13.78 -26.92
C TRP D 30 -6.35 12.47 -26.30
N HIS D 31 -5.42 11.70 -25.76
CA HIS D 31 -5.76 10.39 -25.20
C HIS D 31 -5.64 10.38 -23.69
N ARG D 32 -6.13 9.29 -23.07
CA ARG D 32 -6.07 9.16 -21.61
C ARG D 32 -4.67 9.31 -21.08
N PRO D 33 -4.47 10.31 -20.21
CA PRO D 33 -3.18 10.59 -19.58
C PRO D 33 -2.57 9.35 -18.89
N GLY D 34 -1.25 9.25 -18.93
CA GLY D 34 -0.56 8.08 -18.41
C GLY D 34 -0.37 8.08 -16.91
N TRP D 35 -0.32 9.27 -16.33
CA TRP D 35 -0.05 9.44 -14.90
C TRP D 35 -1.01 8.67 -14.01
N THR D 36 -0.50 8.21 -12.87
CA THR D 36 -1.32 7.54 -11.87
C THR D 36 -1.52 8.45 -10.67
N ILE D 37 -2.49 8.12 -9.84
CA ILE D 37 -2.80 8.90 -8.64
C ILE D 37 -1.57 8.98 -7.72
N GLY D 38 -0.77 7.93 -7.72
CA GLY D 38 0.45 7.89 -6.93
C GLY D 38 1.49 8.87 -7.44
N GLU D 39 1.75 8.84 -8.74
CA GLU D 39 2.74 9.71 -9.36
C GLU D 39 2.37 11.19 -9.24
N LEU D 40 1.11 11.51 -9.51
CA LEU D 40 0.62 12.88 -9.44
C LEU D 40 0.71 13.44 -8.02
N GLU D 41 0.36 12.61 -7.05
CA GLU D 41 0.36 13.03 -5.64
C GLU D 41 1.80 13.30 -5.18
N ALA D 42 2.74 12.59 -5.79
CA ALA D 42 4.16 12.79 -5.51
C ALA D 42 4.67 14.09 -6.12
N ALA D 43 4.30 14.34 -7.37
CA ALA D 43 4.78 15.50 -8.12
C ALA D 43 4.27 16.83 -7.57
N LYS D 44 3.40 16.78 -6.57
CA LYS D 44 2.85 17.97 -5.94
C LYS D 44 3.96 18.86 -5.36
N ALA D 45 4.92 18.22 -4.70
CA ALA D 45 6.10 18.90 -4.16
C ALA D 45 5.75 20.06 -3.23
N GLY D 46 4.92 19.78 -2.23
CA GLY D 46 4.56 20.77 -1.23
C GLY D 46 3.34 21.60 -1.60
N ARG D 47 3.03 21.66 -2.89
CA ARG D 47 1.86 22.39 -3.38
C ARG D 47 0.56 21.73 -2.95
N THR D 48 -0.44 22.53 -2.65
CA THR D 48 -1.76 22.03 -2.27
C THR D 48 -2.75 22.17 -3.42
N ILE D 49 -3.82 21.38 -3.39
CA ILE D 49 -4.83 21.40 -4.44
C ILE D 49 -6.23 21.57 -3.88
N SER D 50 -6.91 22.64 -4.28
CA SER D 50 -8.29 22.87 -3.88
C SER D 50 -9.26 22.56 -5.03
N VAL D 51 -10.37 21.90 -4.71
CA VAL D 51 -11.40 21.63 -5.70
C VAL D 51 -12.69 22.36 -5.31
N VAL D 52 -13.26 23.10 -6.26
CA VAL D 52 -14.47 23.87 -6.00
C VAL D 52 -15.60 23.46 -6.92
N LEU D 53 -16.76 23.17 -6.34
CA LEU D 53 -17.95 22.87 -7.10
C LEU D 53 -18.98 24.00 -6.97
N PRO D 54 -19.10 24.84 -7.99
CA PRO D 54 -20.14 25.87 -7.98
C PRO D 54 -21.51 25.23 -8.17
N ALA D 55 -22.48 25.60 -7.32
CA ALA D 55 -23.76 24.92 -7.33
C ALA D 55 -24.92 25.86 -7.05
N LEU D 56 -25.90 25.88 -7.95
CA LEU D 56 -27.15 26.58 -7.72
C LEU D 56 -28.31 25.67 -8.10
N ASN D 57 -28.96 25.11 -7.08
CA ASN D 57 -30.06 24.16 -7.26
C ASN D 57 -29.67 22.98 -8.15
N GLU D 58 -28.78 22.14 -7.64
CA GLU D 58 -28.27 21.01 -8.40
C GLU D 58 -28.41 19.70 -7.62
N GLU D 59 -29.53 19.56 -6.91
CA GLU D 59 -29.75 18.41 -6.03
C GLU D 59 -29.74 17.06 -6.77
N ALA D 60 -30.12 17.07 -8.03
CA ALA D 60 -30.23 15.84 -8.81
C ALA D 60 -28.87 15.26 -9.19
N THR D 61 -27.83 16.08 -9.16
CA THR D 61 -26.53 15.67 -9.67
C THR D 61 -25.37 15.93 -8.70
N ILE D 62 -25.61 16.77 -7.69
CA ILE D 62 -24.54 17.21 -6.79
C ILE D 62 -23.90 16.02 -6.04
N GLU D 63 -24.71 15.05 -5.67
CA GLU D 63 -24.22 13.88 -4.94
C GLU D 63 -23.28 13.05 -5.80
N SER D 64 -23.67 12.83 -7.05
CA SER D 64 -22.85 12.06 -7.99
C SER D 64 -21.50 12.71 -8.26
N VAL D 65 -21.48 14.04 -8.34
CA VAL D 65 -20.27 14.78 -8.63
C VAL D 65 -19.26 14.71 -7.49
N ILE D 66 -19.74 14.99 -6.27
CA ILE D 66 -18.90 14.93 -5.08
C ILE D 66 -18.31 13.54 -4.86
N ASP D 67 -19.14 12.52 -5.03
CA ASP D 67 -18.72 11.13 -4.82
C ASP D 67 -17.60 10.70 -5.75
N SER D 68 -17.58 11.27 -6.95
CA SER D 68 -16.54 10.94 -7.92
C SER D 68 -15.19 11.59 -7.58
N ILE D 69 -15.21 12.54 -6.65
CA ILE D 69 -14.01 13.30 -6.31
C ILE D 69 -13.56 13.04 -4.87
N SER D 70 -14.51 12.86 -3.97
CA SER D 70 -14.23 12.73 -2.54
C SER D 70 -13.24 11.62 -2.10
N PRO D 71 -13.14 10.52 -2.86
CA PRO D 71 -12.07 9.58 -2.48
C PRO D 71 -10.65 10.16 -2.61
N LEU D 72 -10.51 11.28 -3.31
CA LEU D 72 -9.20 11.90 -3.51
C LEU D 72 -8.83 12.83 -2.36
N VAL D 73 -9.80 13.11 -1.50
CA VAL D 73 -9.58 14.00 -0.36
C VAL D 73 -8.57 13.39 0.60
N ASP D 74 -7.71 14.24 1.16
CA ASP D 74 -6.62 13.86 2.07
C ASP D 74 -5.46 13.21 1.31
N GLY D 75 -5.67 12.94 0.02
CA GLY D 75 -4.63 12.41 -0.84
C GLY D 75 -4.17 13.45 -1.84
N LEU D 76 -4.46 13.20 -3.11
CA LEU D 76 -4.13 14.14 -4.19
C LEU D 76 -4.85 15.48 -3.98
N VAL D 77 -6.10 15.41 -3.56
CA VAL D 77 -6.89 16.60 -3.29
C VAL D 77 -6.88 16.93 -1.80
N ASP D 78 -6.43 18.13 -1.46
CA ASP D 78 -6.33 18.55 -0.07
C ASP D 78 -7.64 19.17 0.43
N GLU D 79 -8.43 19.69 -0.50
CA GLU D 79 -9.62 20.46 -0.15
C GLU D 79 -10.73 20.33 -1.18
N LEU D 80 -11.94 20.06 -0.72
CA LEU D 80 -13.10 19.98 -1.60
C LEU D 80 -14.27 20.74 -1.00
N ILE D 81 -14.69 21.81 -1.68
CA ILE D 81 -15.82 22.61 -1.22
C ILE D 81 -16.89 22.76 -2.29
N VAL D 82 -18.13 22.93 -1.84
CA VAL D 82 -19.22 23.29 -2.73
C VAL D 82 -19.58 24.75 -2.50
N LEU D 83 -19.55 25.55 -3.56
CA LEU D 83 -19.90 26.96 -3.44
C LEU D 83 -21.38 27.11 -3.73
N ASP D 84 -22.17 27.17 -2.67
CA ASP D 84 -23.62 27.27 -2.79
C ASP D 84 -24.03 28.69 -3.15
N SER D 85 -24.61 28.85 -4.33
CA SER D 85 -24.99 30.17 -4.82
C SER D 85 -26.43 30.53 -4.46
N GLY D 86 -26.85 30.12 -3.27
CA GLY D 86 -28.18 30.47 -2.79
C GLY D 86 -29.25 29.49 -3.23
N SER D 87 -28.92 28.20 -3.20
CA SER D 87 -29.86 27.16 -3.60
C SER D 87 -31.08 27.13 -2.69
N THR D 88 -32.24 26.85 -3.27
CA THR D 88 -33.48 26.76 -2.51
C THR D 88 -33.96 25.32 -2.39
N ASP D 89 -33.32 24.41 -3.12
CA ASP D 89 -33.64 22.99 -3.02
C ASP D 89 -32.73 22.29 -2.02
N ASP D 90 -32.63 20.98 -2.13
CA ASP D 90 -31.86 20.18 -1.16
C ASP D 90 -30.40 20.03 -1.55
N THR D 91 -29.86 21.00 -2.28
CA THR D 91 -28.48 20.94 -2.74
C THR D 91 -27.49 20.90 -1.58
N GLU D 92 -27.69 21.77 -0.60
CA GLU D 92 -26.76 21.87 0.53
C GLU D 92 -26.76 20.61 1.40
N ILE D 93 -27.95 20.16 1.78
CA ILE D 93 -28.08 19.03 2.70
C ILE D 93 -27.57 17.72 2.08
N ARG D 94 -27.76 17.56 0.77
CA ARG D 94 -27.27 16.38 0.08
C ARG D 94 -25.76 16.44 -0.08
N ALA D 95 -25.23 17.64 -0.29
CA ALA D 95 -23.79 17.86 -0.40
C ALA D 95 -23.10 17.56 0.92
N ILE D 96 -23.69 18.03 2.01
CA ILE D 96 -23.19 17.75 3.36
C ILE D 96 -23.21 16.25 3.63
N ALA D 97 -24.31 15.60 3.23
CA ALA D 97 -24.47 14.16 3.41
C ALA D 97 -23.47 13.36 2.57
N SER D 98 -22.81 14.02 1.63
CA SER D 98 -21.79 13.39 0.81
C SER D 98 -20.39 13.73 1.33
N GLY D 99 -20.33 14.36 2.49
CA GLY D 99 -19.06 14.64 3.14
C GLY D 99 -18.32 15.86 2.64
N ALA D 100 -18.99 16.67 1.82
CA ALA D 100 -18.38 17.87 1.26
C ALA D 100 -18.62 19.08 2.16
N ARG D 101 -17.62 19.96 2.24
CA ARG D 101 -17.76 21.22 2.95
C ARG D 101 -18.55 22.22 2.10
N VAL D 102 -19.65 22.71 2.65
CA VAL D 102 -20.50 23.63 1.90
C VAL D 102 -20.29 25.08 2.34
N VAL D 103 -19.84 25.91 1.41
CA VAL D 103 -19.60 27.31 1.68
C VAL D 103 -20.55 28.19 0.89
N SER D 104 -21.30 29.04 1.58
CA SER D 104 -22.18 29.99 0.92
C SER D 104 -21.39 31.18 0.40
N ARG D 105 -22.00 31.96 -0.47
CA ARG D 105 -21.37 33.16 -1.02
C ARG D 105 -21.06 34.15 0.09
N GLU D 106 -21.95 34.23 1.07
CA GLU D 106 -21.75 35.09 2.24
C GLU D 106 -20.56 34.64 3.08
N GLN D 107 -20.45 33.33 3.32
CA GLN D 107 -19.37 32.79 4.14
C GLN D 107 -18.00 32.91 3.48
N ALA D 108 -18.00 32.89 2.15
CA ALA D 108 -16.75 32.93 1.39
C ALA D 108 -16.08 34.29 1.49
N LEU D 109 -16.90 35.35 1.55
CA LEU D 109 -16.39 36.72 1.61
C LEU D 109 -17.44 37.64 2.23
N PRO D 110 -17.53 37.64 3.57
CA PRO D 110 -18.59 38.34 4.30
C PRO D 110 -18.51 39.87 4.21
N GLU D 111 -17.32 40.42 3.96
CA GLU D 111 -17.17 41.88 3.91
C GLU D 111 -17.90 42.47 2.71
N VAL D 112 -18.10 41.66 1.68
CA VAL D 112 -18.70 42.14 0.43
C VAL D 112 -20.08 41.54 0.19
N PRO D 113 -21.09 42.41 -0.01
CA PRO D 113 -22.45 42.00 -0.37
C PRO D 113 -22.49 41.11 -1.61
N VAL D 114 -23.50 40.26 -1.70
CA VAL D 114 -23.53 39.24 -2.75
C VAL D 114 -24.26 39.69 -4.02
N ARG D 115 -23.59 39.49 -5.16
CA ARG D 115 -24.21 39.70 -6.47
C ARG D 115 -24.64 38.35 -7.05
N PRO D 116 -25.68 38.36 -7.90
CA PRO D 116 -26.09 37.11 -8.56
C PRO D 116 -25.12 36.70 -9.66
N GLY D 117 -25.14 35.42 -10.04
CA GLY D 117 -24.32 34.95 -11.14
C GLY D 117 -23.29 33.90 -10.76
N LYS D 118 -22.89 33.10 -11.75
CA LYS D 118 -21.90 32.05 -11.56
C LYS D 118 -20.52 32.64 -11.26
N GLY D 119 -20.11 33.61 -12.07
CA GLY D 119 -18.82 34.27 -11.91
C GLY D 119 -18.57 34.80 -10.52
N GLU D 120 -19.61 35.31 -9.88
CA GLU D 120 -19.53 35.79 -8.50
C GLU D 120 -19.09 34.67 -7.57
N ALA D 121 -19.72 33.50 -7.72
CA ALA D 121 -19.43 32.35 -6.88
C ALA D 121 -17.99 31.86 -7.06
N LEU D 122 -17.57 31.75 -8.31
CA LEU D 122 -16.22 31.31 -8.63
C LEU D 122 -15.18 32.27 -8.08
N TRP D 123 -15.48 33.56 -8.15
CA TRP D 123 -14.59 34.59 -7.61
C TRP D 123 -14.48 34.47 -6.09
N ARG D 124 -15.62 34.41 -5.42
CA ARG D 124 -15.66 34.29 -3.96
C ARG D 124 -15.00 33.01 -3.44
N SER D 125 -14.99 31.97 -4.28
CA SER D 125 -14.44 30.68 -3.89
C SER D 125 -12.94 30.76 -3.66
N LEU D 126 -12.30 31.72 -4.31
CA LEU D 126 -10.86 31.94 -4.14
C LEU D 126 -10.54 32.38 -2.70
N ALA D 127 -11.49 33.05 -2.07
CA ALA D 127 -11.31 33.51 -0.70
C ALA D 127 -11.66 32.40 0.31
N ALA D 128 -12.26 31.32 -0.19
CA ALA D 128 -12.69 30.22 0.68
C ALA D 128 -11.76 29.01 0.56
N THR D 129 -10.75 29.13 -0.30
CA THR D 129 -9.79 28.04 -0.49
C THR D 129 -8.37 28.55 -0.29
N SER D 130 -7.43 27.63 -0.12
CA SER D 130 -6.04 28.01 0.14
C SER D 130 -5.04 27.20 -0.68
N GLY D 131 -5.53 26.43 -1.64
CA GLY D 131 -4.67 25.60 -2.48
C GLY D 131 -3.86 26.41 -3.47
N ASP D 132 -2.65 25.92 -3.76
CA ASP D 132 -1.81 26.55 -4.79
C ASP D 132 -2.39 26.29 -6.17
N ILE D 133 -3.10 25.19 -6.31
CA ILE D 133 -3.81 24.87 -7.55
C ILE D 133 -5.30 24.72 -7.26
N VAL D 134 -6.12 25.43 -8.03
CA VAL D 134 -7.56 25.39 -7.84
C VAL D 134 -8.25 24.72 -9.02
N VAL D 135 -9.08 23.71 -8.73
CA VAL D 135 -9.80 23.00 -9.76
C VAL D 135 -11.29 23.32 -9.70
N PHE D 136 -11.87 23.63 -10.86
CA PHE D 136 -13.29 23.93 -10.95
C PHE D 136 -14.04 22.84 -11.71
N ILE D 137 -15.09 22.30 -11.09
CA ILE D 137 -15.93 21.29 -11.72
C ILE D 137 -17.40 21.65 -11.58
N ASP D 138 -18.12 21.67 -12.69
CA ASP D 138 -19.55 21.97 -12.65
C ASP D 138 -20.31 20.85 -11.96
N SER D 139 -21.33 21.23 -11.18
CA SER D 139 -22.06 20.27 -10.36
C SER D 139 -23.35 19.80 -11.04
N ASP D 140 -23.52 20.12 -12.31
CA ASP D 140 -24.68 19.67 -13.07
C ASP D 140 -24.30 18.51 -13.99
N LEU D 141 -23.10 17.97 -13.78
CA LEU D 141 -22.63 16.82 -14.53
C LEU D 141 -23.39 15.55 -14.16
N ILE D 142 -23.79 14.78 -15.18
CA ILE D 142 -24.45 13.50 -14.95
C ILE D 142 -23.43 12.37 -14.98
N ASN D 143 -23.14 11.81 -13.80
CA ASN D 143 -22.11 10.78 -13.64
C ASN D 143 -20.79 11.15 -14.29
N PRO D 144 -20.00 12.00 -13.61
CA PRO D 144 -18.67 12.39 -14.08
C PRO D 144 -17.62 11.32 -13.78
N HIS D 145 -16.62 11.20 -14.65
CA HIS D 145 -15.55 10.24 -14.45
C HIS D 145 -14.71 10.66 -13.25
N PRO D 146 -14.34 9.69 -12.39
CA PRO D 146 -13.58 9.97 -11.16
C PRO D 146 -12.13 10.41 -11.42
N LEU D 147 -11.73 10.46 -12.68
CA LEU D 147 -10.37 10.88 -13.02
C LEU D 147 -10.34 12.29 -13.61
N PHE D 148 -11.46 13.00 -13.52
CA PHE D 148 -11.55 14.38 -14.00
C PHE D 148 -10.49 15.28 -13.37
N VAL D 149 -10.47 15.33 -12.05
CA VAL D 149 -9.50 16.16 -11.33
C VAL D 149 -8.04 15.72 -11.58
N PRO D 150 -7.73 14.41 -11.55
CA PRO D 150 -6.36 14.03 -11.91
C PRO D 150 -5.96 14.41 -13.33
N TRP D 151 -6.87 14.23 -14.29
CA TRP D 151 -6.59 14.55 -15.68
C TRP D 151 -6.37 16.04 -15.91
N LEU D 152 -6.89 16.87 -15.01
CA LEU D 152 -6.80 18.32 -15.15
C LEU D 152 -5.51 18.89 -14.55
N VAL D 153 -5.13 18.38 -13.38
CA VAL D 153 -3.94 18.86 -12.70
C VAL D 153 -2.67 18.24 -13.27
N GLY D 154 -2.84 17.36 -14.24
CA GLY D 154 -1.73 16.73 -14.94
C GLY D 154 -0.66 17.69 -15.45
N PRO D 155 -1.00 18.49 -16.48
CA PRO D 155 -0.08 19.45 -17.09
C PRO D 155 0.47 20.49 -16.11
N LEU D 156 -0.22 20.72 -15.00
CA LEU D 156 0.22 21.69 -14.02
C LEU D 156 1.30 21.13 -13.10
N LEU D 157 1.23 19.84 -12.81
CA LEU D 157 2.13 19.20 -11.86
C LEU D 157 3.40 18.65 -12.51
N THR D 158 3.26 18.13 -13.72
CA THR D 158 4.38 17.50 -14.40
C THR D 158 5.14 18.51 -15.28
N GLY D 159 4.48 19.00 -16.32
CA GLY D 159 5.08 19.98 -17.21
C GLY D 159 5.39 21.30 -16.53
N GLU D 160 6.02 22.21 -17.28
CA GLU D 160 6.32 23.53 -16.77
C GLU D 160 5.86 24.61 -17.74
N GLY D 161 5.51 25.78 -17.19
CA GLY D 161 5.01 26.88 -17.99
C GLY D 161 3.49 26.93 -18.03
N ILE D 162 2.86 25.79 -17.81
CA ILE D 162 1.41 25.70 -17.82
C ILE D 162 0.80 26.23 -16.53
N GLN D 163 -0.17 27.13 -16.65
CA GLN D 163 -0.87 27.67 -15.49
C GLN D 163 -2.38 27.58 -15.63
N LEU D 164 -2.84 27.13 -16.80
CA LEU D 164 -4.27 26.96 -17.04
C LEU D 164 -4.55 25.73 -17.89
N VAL D 165 -5.40 24.85 -17.38
CA VAL D 165 -5.77 23.63 -18.12
C VAL D 165 -7.28 23.55 -18.35
N LYS D 166 -7.69 23.62 -19.61
CA LYS D 166 -9.09 23.50 -19.98
C LYS D 166 -9.41 22.06 -20.39
N SER D 167 -10.69 21.70 -20.36
CA SER D 167 -11.10 20.38 -20.81
C SER D 167 -11.90 20.42 -22.11
N PHE D 168 -11.93 19.29 -22.83
CA PHE D 168 -12.82 19.11 -23.96
C PHE D 168 -13.35 17.68 -23.98
N TYR D 169 -14.43 17.44 -24.71
N TYR D 169 -14.48 17.48 -24.65
CA TYR D 169 -15.07 16.13 -24.68
CA TYR D 169 -15.23 16.22 -24.59
C TYR D 169 -15.76 15.78 -25.99
C TYR D 169 -15.64 15.70 -25.97
N ARG D 170 -16.51 14.69 -25.97
CA ARG D 170 -17.08 14.09 -27.19
C ARG D 170 -16.11 13.98 -28.37
C GLY D 186 -26.50 19.66 -28.31
N GLY D 187 -25.46 19.52 -27.50
CA GLY D 187 -24.13 19.25 -28.01
C GLY D 187 -23.23 20.47 -27.92
N GLY D 188 -23.50 21.32 -26.94
CA GLY D 188 -22.79 22.57 -26.78
C GLY D 188 -23.27 23.61 -27.76
N ARG D 189 -24.54 23.99 -27.65
CA ARG D 189 -25.15 24.93 -28.56
C ARG D 189 -24.56 26.33 -28.45
N VAL D 190 -24.36 26.79 -27.22
CA VAL D 190 -23.75 28.10 -27.00
C VAL D 190 -22.28 28.07 -27.39
N THR D 191 -21.62 26.95 -27.13
CA THR D 191 -20.21 26.79 -27.50
C THR D 191 -19.98 26.82 -29.01
N GLU D 192 -20.74 26.01 -29.74
CA GLU D 192 -20.49 25.81 -31.17
C GLU D 192 -21.08 26.91 -32.05
N LEU D 193 -22.06 27.64 -31.54
CA LEU D 193 -22.72 28.67 -32.33
C LEU D 193 -22.33 30.09 -31.93
N VAL D 194 -21.88 30.26 -30.69
CA VAL D 194 -21.57 31.60 -30.19
C VAL D 194 -20.09 31.77 -29.87
N ALA D 195 -19.60 31.03 -28.88
CA ALA D 195 -18.25 31.21 -28.36
C ALA D 195 -17.17 31.00 -29.41
N ARG D 196 -17.14 29.82 -30.01
CA ARG D 196 -16.10 29.47 -30.98
C ARG D 196 -16.19 30.26 -32.29
N PRO D 197 -17.40 30.52 -32.81
CA PRO D 197 -17.41 31.38 -34.00
C PRO D 197 -17.00 32.82 -33.71
N LEU D 198 -17.35 33.35 -32.55
CA LEU D 198 -16.98 34.70 -32.17
C LEU D 198 -15.47 34.81 -31.93
N LEU D 199 -14.90 33.78 -31.32
CA LEU D 199 -13.46 33.74 -31.10
C LEU D 199 -12.73 33.72 -32.43
N ALA D 200 -13.25 32.95 -33.39
CA ALA D 200 -12.65 32.90 -34.72
C ALA D 200 -12.65 34.29 -35.36
N ALA D 201 -13.67 35.07 -35.04
CA ALA D 201 -13.83 36.41 -35.61
C ALA D 201 -12.96 37.47 -34.91
N LEU D 202 -12.83 37.37 -33.59
CA LEU D 202 -12.21 38.44 -32.82
C LEU D 202 -10.88 38.04 -32.15
N ARG D 203 -10.66 36.74 -32.00
CA ARG D 203 -9.42 36.24 -31.40
C ARG D 203 -9.01 34.91 -32.03
N PRO D 204 -8.69 34.92 -33.33
CA PRO D 204 -8.47 33.69 -34.10
C PRO D 204 -7.34 32.82 -33.54
N GLU D 205 -6.49 33.41 -32.70
CA GLU D 205 -5.40 32.67 -32.06
C GLU D 205 -5.93 31.63 -31.08
N LEU D 206 -7.14 31.87 -30.57
CA LEU D 206 -7.77 30.94 -29.65
C LEU D 206 -8.72 29.98 -30.35
N GLY D 207 -8.63 29.93 -31.68
CA GLY D 207 -9.47 29.05 -32.47
C GLY D 207 -9.18 27.59 -32.27
N CYS D 208 -8.05 27.29 -31.64
CA CYS D 208 -7.63 25.91 -31.41
C CYS D 208 -8.19 25.36 -30.11
N VAL D 209 -8.81 26.23 -29.30
CA VAL D 209 -9.48 25.78 -28.09
C VAL D 209 -10.79 25.11 -28.46
N LEU D 210 -10.98 23.88 -28.02
CA LEU D 210 -12.12 23.08 -28.45
C LEU D 210 -13.37 23.36 -27.63
N GLN D 211 -13.20 23.56 -26.33
CA GLN D 211 -14.33 23.89 -25.45
C GLN D 211 -13.98 25.06 -24.54
N PRO D 212 -14.08 26.28 -25.06
CA PRO D 212 -13.73 27.49 -24.32
C PRO D 212 -14.69 27.78 -23.16
N LEU D 213 -15.91 27.26 -23.25
CA LEU D 213 -16.91 27.50 -22.21
C LEU D 213 -16.99 26.34 -21.22
N SER D 214 -15.97 25.50 -21.22
CA SER D 214 -15.95 24.32 -20.35
C SER D 214 -15.94 24.72 -18.89
N GLY D 215 -16.81 24.11 -18.10
CA GLY D 215 -16.89 24.40 -16.68
C GLY D 215 -15.87 23.60 -15.90
N GLU D 216 -15.17 22.71 -16.58
CA GLU D 216 -14.15 21.88 -15.95
C GLU D 216 -12.76 22.35 -16.36
N TYR D 217 -12.06 22.97 -15.43
CA TYR D 217 -10.71 23.45 -15.67
C TYR D 217 -9.96 23.66 -14.37
N ALA D 218 -8.64 23.74 -14.46
CA ALA D 218 -7.80 23.94 -13.29
C ALA D 218 -6.77 25.03 -13.56
N ALA D 219 -6.37 25.74 -12.51
CA ALA D 219 -5.43 26.84 -12.65
C ALA D 219 -4.75 27.16 -11.32
N SER D 220 -3.58 27.79 -11.40
CA SER D 220 -2.83 28.17 -10.21
C SER D 220 -3.49 29.35 -9.50
N ARG D 221 -3.37 29.40 -8.18
CA ARG D 221 -3.92 30.49 -7.39
C ARG D 221 -3.31 31.83 -7.78
N GLU D 222 -2.03 31.79 -8.16
CA GLU D 222 -1.32 32.99 -8.61
C GLU D 222 -2.01 33.64 -9.80
N LEU D 223 -2.37 32.81 -10.78
CA LEU D 223 -3.04 33.30 -11.99
C LEU D 223 -4.45 33.80 -11.69
N LEU D 224 -5.21 33.02 -10.91
CA LEU D 224 -6.61 33.31 -10.66
C LEU D 224 -6.80 34.60 -9.86
N THR D 225 -5.94 34.82 -8.86
CA THR D 225 -6.04 35.99 -8.02
C THR D 225 -5.48 37.23 -8.72
N SER D 226 -4.88 37.02 -9.89
CA SER D 226 -4.32 38.13 -10.66
C SER D 226 -5.26 38.56 -11.77
N LEU D 227 -6.28 37.76 -12.03
CA LEU D 227 -7.23 38.05 -13.10
C LEU D 227 -8.57 38.54 -12.55
N PRO D 228 -9.23 39.44 -13.31
CA PRO D 228 -10.60 39.82 -12.99
C PRO D 228 -11.59 38.71 -13.32
N PHE D 229 -12.75 38.69 -12.66
CA PHE D 229 -13.73 37.65 -12.89
C PHE D 229 -15.01 38.22 -13.51
N ALA D 230 -15.30 37.80 -14.74
CA ALA D 230 -16.51 38.22 -15.44
C ALA D 230 -17.76 37.72 -14.73
N PRO D 231 -18.83 38.53 -14.74
CA PRO D 231 -20.08 38.17 -14.06
C PRO D 231 -20.89 37.11 -14.80
N GLY D 232 -21.75 36.41 -14.08
CA GLY D 232 -22.63 35.41 -14.66
C GLY D 232 -21.91 34.30 -15.39
N TYR D 233 -22.41 33.96 -16.58
CA TYR D 233 -21.84 32.88 -17.37
C TYR D 233 -20.67 33.33 -18.23
N GLY D 234 -20.21 34.57 -17.99
CA GLY D 234 -19.09 35.11 -18.72
C GLY D 234 -17.74 34.69 -18.17
N VAL D 235 -17.75 34.16 -16.95
CA VAL D 235 -16.52 33.86 -16.22
C VAL D 235 -15.55 32.92 -16.97
N GLU D 236 -16.06 31.90 -17.63
CA GLU D 236 -15.20 30.94 -18.33
C GLU D 236 -14.48 31.57 -19.51
N ILE D 237 -15.24 32.17 -20.42
CA ILE D 237 -14.67 32.77 -21.62
C ILE D 237 -13.80 33.98 -21.25
N GLY D 238 -14.11 34.60 -20.12
CA GLY D 238 -13.34 35.75 -19.66
C GLY D 238 -11.98 35.36 -19.14
N LEU D 239 -11.92 34.27 -18.37
CA LEU D 239 -10.66 33.80 -17.80
C LEU D 239 -9.73 33.27 -18.89
N LEU D 240 -10.30 32.68 -19.93
CA LEU D 240 -9.52 32.15 -21.05
C LEU D 240 -8.80 33.27 -21.79
N ILE D 241 -9.57 34.24 -22.26
CA ILE D 241 -9.03 35.36 -23.03
C ILE D 241 -8.03 36.19 -22.22
N ASP D 242 -8.36 36.43 -20.95
CA ASP D 242 -7.49 37.20 -20.06
C ASP D 242 -6.18 36.49 -19.79
N THR D 243 -6.22 35.16 -19.74
CA THR D 243 -5.01 34.37 -19.52
C THR D 243 -4.11 34.42 -20.76
N PHE D 244 -4.72 34.32 -21.93
CA PHE D 244 -4.00 34.41 -23.19
C PHE D 244 -3.27 35.75 -23.32
N ASP D 245 -3.99 36.84 -23.07
CA ASP D 245 -3.43 38.18 -23.16
C ASP D 245 -2.27 38.39 -22.20
N ARG D 246 -2.31 37.68 -21.06
CA ARG D 246 -1.34 37.90 -20.00
C ARG D 246 -0.14 36.94 -20.10
N LEU D 247 -0.38 35.72 -20.55
CA LEU D 247 0.66 34.68 -20.50
C LEU D 247 0.87 33.95 -21.82
N GLY D 248 -0.02 34.16 -22.79
CA GLY D 248 0.10 33.50 -24.07
C GLY D 248 -0.34 32.05 -24.07
N LEU D 249 -0.45 31.46 -25.26
CA LEU D 249 -0.88 30.08 -25.43
C LEU D 249 -0.02 29.07 -24.69
N ASP D 250 1.26 29.41 -24.48
CA ASP D 250 2.20 28.50 -23.85
C ASP D 250 1.83 28.14 -22.41
N ALA D 251 1.08 29.02 -21.76
CA ALA D 251 0.68 28.80 -20.37
C ALA D 251 -0.65 28.05 -20.28
N ILE D 252 -1.26 27.77 -21.42
CA ILE D 252 -2.55 27.11 -21.47
C ILE D 252 -2.43 25.71 -22.07
N ALA D 253 -3.10 24.75 -21.46
CA ALA D 253 -3.18 23.39 -21.99
C ALA D 253 -4.62 22.91 -21.99
N GLN D 254 -4.93 21.92 -22.83
CA GLN D 254 -6.26 21.32 -22.80
C GLN D 254 -6.18 19.79 -22.81
N VAL D 255 -7.13 19.16 -22.13
CA VAL D 255 -7.10 17.72 -21.90
C VAL D 255 -8.44 17.07 -22.21
N ASN D 256 -8.41 15.96 -22.95
CA ASN D 256 -9.63 15.22 -23.29
C ASN D 256 -10.15 14.48 -22.07
N LEU D 257 -11.45 14.63 -21.80
CA LEU D 257 -12.08 13.98 -20.66
C LEU D 257 -13.09 12.93 -21.11
N GLY D 258 -13.13 12.67 -22.41
CA GLY D 258 -14.01 11.65 -22.94
C GLY D 258 -15.36 12.18 -23.38
N VAL D 259 -16.39 11.80 -22.65
CA VAL D 259 -17.75 12.22 -22.96
C VAL D 259 -18.36 13.01 -21.79
N ARG D 260 -19.20 13.99 -22.12
CA ARG D 260 -19.88 14.79 -21.10
C ARG D 260 -21.39 14.71 -21.25
N ALA D 261 -22.07 14.59 -20.12
CA ALA D 261 -23.51 14.65 -20.08
C ALA D 261 -23.90 15.58 -18.95
N HIS D 262 -24.84 16.47 -19.20
CA HIS D 262 -25.25 17.42 -18.19
C HIS D 262 -26.70 17.83 -18.41
N ARG D 263 -27.25 18.57 -17.45
CA ARG D 263 -28.62 19.03 -17.53
C ARG D 263 -28.82 19.94 -18.73
N ASN D 264 -29.60 19.47 -19.71
CA ASN D 264 -29.89 20.26 -20.89
C ASN D 264 -30.89 21.35 -20.54
N ARG D 265 -30.58 22.57 -20.95
CA ARG D 265 -31.36 23.73 -20.52
C ARG D 265 -32.33 24.18 -21.61
N PRO D 266 -33.42 24.84 -21.19
CA PRO D 266 -34.35 25.38 -22.20
C PRO D 266 -33.68 26.48 -23.01
N LEU D 267 -34.11 26.65 -24.27
CA LEU D 267 -33.45 27.55 -25.20
C LEU D 267 -33.38 29.00 -24.71
N ASP D 268 -34.35 29.40 -23.88
CA ASP D 268 -34.41 30.78 -23.39
C ASP D 268 -33.29 31.07 -22.39
N GLU D 269 -32.91 30.07 -21.61
CA GLU D 269 -31.83 30.21 -20.64
C GLU D 269 -30.49 30.35 -21.36
N LEU D 270 -30.35 29.63 -22.47
CA LEU D 270 -29.13 29.68 -23.26
C LEU D 270 -28.99 31.03 -23.96
N GLY D 271 -30.13 31.64 -24.26
CA GLY D 271 -30.16 32.97 -24.84
C GLY D 271 -29.54 33.99 -23.91
N ALA D 272 -29.92 33.92 -22.63
CA ALA D 272 -29.36 34.79 -21.61
C ALA D 272 -27.89 34.46 -21.40
N MET D 273 -27.57 33.17 -21.43
CA MET D 273 -26.19 32.71 -21.30
C MET D 273 -25.33 33.26 -22.44
N SER D 274 -25.86 33.18 -23.65
CA SER D 274 -25.16 33.67 -24.83
C SER D 274 -24.92 35.17 -24.77
N ARG D 275 -25.92 35.91 -24.30
CA ARG D 275 -25.83 37.36 -24.19
C ARG D 275 -24.70 37.78 -23.25
N GLN D 276 -24.54 37.05 -22.15
CA GLN D 276 -23.49 37.35 -21.17
C GLN D 276 -22.12 36.96 -21.70
N VAL D 277 -22.06 35.86 -22.46
CA VAL D 277 -20.82 35.43 -23.07
C VAL D 277 -20.37 36.46 -24.10
N ILE D 278 -21.32 36.97 -24.87
CA ILE D 278 -21.05 38.00 -25.86
C ILE D 278 -20.59 39.29 -25.20
N ALA D 279 -21.28 39.69 -24.14
CA ALA D 279 -20.95 40.90 -23.41
C ALA D 279 -19.52 40.86 -22.88
N THR D 280 -19.13 39.73 -22.31
CA THR D 280 -17.79 39.56 -21.77
C THR D 280 -16.74 39.51 -22.88
N LEU D 281 -17.05 38.77 -23.94
CA LEU D 281 -16.10 38.59 -25.05
C LEU D 281 -15.85 39.90 -25.79
N LEU D 282 -16.89 40.68 -26.01
CA LEU D 282 -16.76 42.00 -26.64
C LEU D 282 -15.91 42.92 -25.78
N SER D 283 -16.15 42.88 -24.48
CA SER D 283 -15.39 43.67 -23.52
C SER D 283 -13.88 43.42 -23.63
N ARG D 284 -13.51 42.15 -23.76
CA ARG D 284 -12.10 41.77 -23.83
C ARG D 284 -11.45 42.16 -25.16
N CYS D 285 -12.25 42.62 -26.12
CA CYS D 285 -11.72 42.98 -27.42
C CYS D 285 -11.82 44.48 -27.68
N GLY D 286 -12.12 45.25 -26.64
CA GLY D 286 -12.18 46.69 -26.74
C GLY D 286 -13.41 47.17 -27.49
N ILE D 287 -14.43 46.34 -27.55
CA ILE D 287 -15.67 46.68 -28.24
C ILE D 287 -16.76 47.07 -27.23
N PRO D 288 -17.30 48.29 -27.38
CA PRO D 288 -18.35 48.81 -26.50
C PRO D 288 -19.64 47.99 -26.58
N ASP D 289 -20.12 47.52 -25.43
CA ASP D 289 -21.36 46.78 -25.37
C ASP D 289 -22.49 47.71 -24.94
N SER D 290 -23.66 47.54 -25.56
CA SER D 290 -24.80 48.41 -25.29
C SER D 290 -25.26 48.33 -23.84
N GLY D 291 -25.05 47.18 -23.21
CA GLY D 291 -25.50 46.97 -21.84
C GLY D 291 -26.97 46.62 -21.78
N VAL D 292 -27.60 46.54 -22.95
CA VAL D 292 -29.02 46.22 -23.02
C VAL D 292 -29.21 44.70 -22.99
N GLY D 293 -30.00 44.23 -22.03
CA GLY D 293 -30.25 42.82 -21.87
C GLY D 293 -31.06 42.23 -23.03
N LEU D 294 -30.89 40.94 -23.25
CA LEU D 294 -31.65 40.25 -24.30
C LEU D 294 -33.13 40.17 -23.94
N THR D 295 -33.97 40.61 -24.86
CA THR D 295 -35.42 40.52 -24.67
C THR D 295 -35.99 39.35 -25.48
N GLN D 296 -36.89 38.59 -24.86
CA GLN D 296 -37.50 37.46 -25.54
C GLN D 296 -39.02 37.58 -25.54
N PHE D 297 -39.65 37.22 -26.65
CA PHE D 297 -41.09 37.26 -26.77
C PHE D 297 -41.67 35.86 -26.96
N LEU D 298 -42.05 35.23 -25.86
CA LEU D 298 -42.57 33.87 -25.91
C LEU D 298 -44.07 33.84 -25.59
N TYR D 307 -47.42 35.04 -26.32
CA TYR D 307 -46.46 36.01 -26.85
C TYR D 307 -46.32 37.20 -25.90
N THR D 308 -45.43 37.06 -24.92
CA THR D 308 -45.23 38.12 -23.93
C THR D 308 -43.74 38.45 -23.76
N ARG D 309 -43.46 39.68 -23.34
CA ARG D 309 -42.10 40.19 -23.27
C ARG D 309 -41.44 40.02 -21.90
N HIS D 310 -40.24 39.45 -21.89
CA HIS D 310 -39.43 39.39 -20.67
C HIS D 310 -37.96 39.67 -21.01
N THR D 311 -37.31 40.47 -20.16
CA THR D 311 -35.92 40.87 -20.41
C THR D 311 -34.97 40.29 -19.37
N TRP D 312 -33.94 39.60 -19.84
CA TRP D 312 -32.95 38.99 -18.95
C TRP D 312 -31.82 39.96 -18.63
N PRO D 313 -31.40 39.98 -17.36
CA PRO D 313 -30.30 40.87 -16.91
C PRO D 313 -28.96 40.52 -17.55
N VAL D 314 -28.18 41.56 -17.87
CA VAL D 314 -26.81 41.38 -18.32
C VAL D 314 -25.92 42.34 -17.54
N SER D 315 -24.69 41.94 -17.27
CA SER D 315 -23.80 42.75 -16.44
C SER D 315 -22.48 43.04 -17.15
N LEU D 316 -22.05 44.30 -17.07
CA LEU D 316 -20.79 44.73 -17.68
C LEU D 316 -19.72 44.93 -16.62
N VAL D 317 -20.03 44.52 -15.39
CA VAL D 317 -19.15 44.77 -14.26
C VAL D 317 -18.38 43.52 -13.83
N ASP D 318 -17.08 43.51 -14.10
CA ASP D 318 -16.22 42.44 -13.63
C ASP D 318 -15.86 42.64 -12.17
N ARG D 319 -15.56 41.55 -11.47
CA ARG D 319 -14.98 41.66 -10.14
C ARG D 319 -13.47 41.84 -10.30
N PRO D 320 -12.87 42.66 -9.43
CA PRO D 320 -11.43 42.91 -9.52
C PRO D 320 -10.62 41.69 -9.10
N PRO D 321 -9.34 41.61 -9.51
CA PRO D 321 -8.45 40.53 -9.08
C PRO D 321 -8.47 40.35 -7.56
N MET D 322 -8.50 39.11 -7.11
CA MET D 322 -8.65 38.81 -5.68
C MET D 322 -7.51 39.40 -4.85
N LYS D 323 -6.37 39.63 -5.50
CA LYS D 323 -5.22 40.26 -4.86
C LYS D 323 -5.56 41.61 -4.19
N VAL D 324 -6.38 42.41 -4.86
CA VAL D 324 -6.72 43.74 -4.35
C VAL D 324 -7.61 43.67 -3.10
N MET D 325 -7.99 42.45 -2.71
CA MET D 325 -8.78 42.26 -1.51
C MET D 325 -7.93 41.67 -0.39
N ARG D 326 -6.62 41.83 -0.50
CA ARG D 326 -5.69 41.33 0.50
C ARG D 326 -5.78 42.16 1.78
C1 3PG E . -16.97 -13.77 6.89
O1 3PG E . -17.25 -13.12 7.92
O2 3PG E . -15.78 -14.14 6.68
C2 3PG E . -18.06 -14.12 5.89
O3 3PG E . -19.05 -13.11 5.92
C3 3PG E . -18.68 -15.45 6.27
O1P 3PG E . -17.74 -16.48 6.05
P 3PG E . -18.24 -17.98 6.13
O2P 3PG E . -18.76 -18.27 7.51
O3P 3PG E . -17.08 -18.90 5.82
O4P 3PG E . -19.33 -18.20 5.11
C1 3PG F . -5.89 -21.64 -3.96
O1 3PG F . -6.69 -20.74 -3.60
O2 3PG F . -5.10 -21.45 -4.92
C2 3PG F . -5.86 -22.97 -3.22
O3 3PG F . -4.56 -23.49 -3.23
C3 3PG F . -6.81 -23.93 -3.88
O1P 3PG F . -7.35 -24.79 -2.92
P 3PG F . -8.87 -24.60 -2.50
O2P 3PG F . -9.22 -25.53 -1.37
O3P 3PG F . -9.10 -23.17 -2.08
O4P 3PG F . -9.75 -24.92 -3.69
C1 3PG G . 36.02 -7.87 21.96
O1 3PG G . 36.68 -7.72 23.01
O2 3PG G . 34.98 -7.19 21.76
C2 3PG G . 36.45 -8.89 20.93
O3 3PG G . 36.16 -8.41 19.63
C3 3PG G . 35.71 -10.19 21.14
O1P 3PG G . 36.03 -10.70 22.42
P 3PG G . 35.15 -11.89 22.98
O2P 3PG G . 35.61 -12.25 24.38
O3P 3PG G . 33.70 -11.46 23.02
O4P 3PG G . 35.29 -13.08 22.08
C1 3PG H . -22.51 25.00 -23.80
O1 3PG H . -21.48 24.61 -23.19
O2 3PG H . -22.44 25.31 -25.02
C2 3PG H . -23.83 25.08 -23.07
O3 3PG H . -23.61 25.52 -21.74
C3 3PG H . -24.50 23.73 -23.04
O1P 3PG H . -25.11 23.48 -24.30
P 3PG H . -26.00 22.18 -24.44
O2P 3PG H . -27.07 22.17 -23.39
O3P 3PG H . -26.63 22.17 -25.81
O4P 3PG H . -25.11 20.96 -24.28
#